data_3SAH
#
_entry.id   3SAH
#
_cell.length_a   141.000
_cell.length_b   141.000
_cell.length_c   58.400
_cell.angle_alpha   90.000
_cell.angle_beta   90.000
_cell.angle_gamma   90.000
#
_symmetry.space_group_name_H-M   'P 4'
#
loop_
_entity.id
_entity.type
_entity.pdbx_description
1 polymer 'Exosome component 10'
2 non-polymer 'YTTRIUM (III) ION'
3 non-polymer 'MAGNESIUM ION'
4 water water
#
_entity_poly.entity_id   1
_entity_poly.type   'polypeptide(L)'
_entity_poly.pdbx_seq_one_letter_code
;SIIRPQLKFREKIDNSNTPFLPKIFIKPNAQKPLPQALSKERRERPQDRPEDLDVPPALADFIHQQRTQQVEQDMFAHPY
QYELNHFTPADAVLQKPQPQLYRPIEETPCHFISSLDELVELNEKLLNCQEFAVDLEHHSYRSFLGLTCLMQISTRTEDF
IIDTLELRSDMYILNESLTDPAIVKVFHGADSDIEWLQKDFGLYVVNMFDTHQAARLLNLGRHSLDHLLKLYCNVDSNKQ
YQLADWRIRPLPEEMLSAARDDTHYLLYIYDKMRLEMWERGNGQPVQLQVVWQRSRDICLKKFIKPIFTDESYLELYRKQ
KKHLNTQQLTAFQLLFAWRDKTARREDESYGYVLPNHMMLKIAEELPKEPQGIIACCNPVPPLVRQQINEMHLLIQQARE
MPLLKSEVAAGVKKSGPLPSAERLENVL
;
_entity_poly.pdbx_strand_id   A,B
#
loop_
_chem_comp.id
_chem_comp.type
_chem_comp.name
_chem_comp.formula
MG non-polymer 'MAGNESIUM ION' 'Mg 2'
YT3 non-polymer 'YTTRIUM (III) ION' 'Y 3'
#
# COMPACT_ATOMS: atom_id res chain seq x y z
N SER A 1 27.81 25.28 -22.37
CA SER A 1 27.34 24.02 -21.70
C SER A 1 28.15 23.69 -20.44
N ILE A 2 27.45 23.42 -19.34
CA ILE A 2 28.08 23.05 -18.07
C ILE A 2 29.20 22.04 -18.32
N ILE A 3 30.33 22.19 -17.64
CA ILE A 3 31.42 21.24 -17.80
C ILE A 3 30.93 19.99 -17.08
N ARG A 4 31.00 18.83 -17.73
CA ARG A 4 30.53 17.60 -17.10
C ARG A 4 31.23 17.42 -15.74
N PRO A 5 30.43 17.33 -14.65
CA PRO A 5 30.96 17.17 -13.28
C PRO A 5 31.48 15.78 -12.92
N GLN A 6 31.46 14.87 -13.89
CA GLN A 6 31.94 13.50 -13.68
C GLN A 6 33.46 13.48 -13.77
N LEU A 7 34.03 14.53 -14.37
CA LEU A 7 35.47 14.65 -14.52
C LEU A 7 36.19 14.87 -13.19
N LYS A 8 35.51 15.51 -12.23
CA LYS A 8 36.12 15.75 -10.91
C LYS A 8 35.88 14.60 -9.94
N PHE A 9 35.32 13.49 -10.43
CA PHE A 9 35.07 12.35 -9.55
C PHE A 9 36.36 11.60 -9.27
N ARG A 10 36.57 11.27 -8.01
CA ARG A 10 37.76 10.53 -7.58
C ARG A 10 37.69 9.11 -8.17
N GLU A 11 36.48 8.57 -8.22
CA GLU A 11 36.22 7.23 -8.74
C GLU A 11 35.33 7.30 -9.99
N LYS A 12 35.82 6.75 -11.10
CA LYS A 12 35.06 6.74 -12.35
C LYS A 12 33.77 5.96 -12.16
N ILE A 13 32.84 6.11 -13.11
CA ILE A 13 31.57 5.41 -13.05
C ILE A 13 31.75 4.15 -13.86
N ASP A 14 31.20 3.04 -13.37
CA ASP A 14 31.31 1.79 -14.09
C ASP A 14 30.11 1.60 -15.00
N ASN A 15 30.27 1.93 -16.28
CA ASN A 15 29.20 1.79 -17.25
C ASN A 15 29.48 0.54 -18.08
N SER A 16 29.35 -0.62 -17.44
CA SER A 16 29.60 -1.88 -18.11
C SER A 16 28.45 -2.80 -17.76
N ASN A 17 28.22 -3.81 -18.59
CA ASN A 17 27.15 -4.75 -18.31
C ASN A 17 27.42 -5.46 -16.99
N THR A 18 28.62 -5.27 -16.45
CA THR A 18 29.00 -5.86 -15.18
C THR A 18 27.86 -5.65 -14.19
N PRO A 19 27.52 -6.67 -13.40
CA PRO A 19 26.44 -6.52 -12.43
C PRO A 19 26.74 -5.44 -11.40
N PHE A 20 25.73 -4.62 -11.09
CA PHE A 20 25.92 -3.56 -10.10
C PHE A 20 26.24 -4.19 -8.74
N LEU A 21 27.26 -3.67 -8.09
CA LEU A 21 27.67 -4.16 -6.79
C LEU A 21 27.45 -3.05 -5.78
N PRO A 22 26.71 -3.33 -4.68
CA PRO A 22 26.46 -2.29 -3.68
C PRO A 22 27.77 -1.60 -3.30
N LYS A 23 27.69 -0.29 -3.03
CA LYS A 23 28.87 0.49 -2.67
C LYS A 23 29.21 0.51 -1.20
N ILE A 24 28.20 0.45 -0.34
CA ILE A 24 28.43 0.47 1.10
C ILE A 24 29.57 -0.45 1.51
N PHE A 25 30.46 0.05 2.38
CA PHE A 25 31.60 -0.74 2.86
C PHE A 25 31.69 -0.81 4.38
N ILE A 26 30.71 -0.20 5.05
CA ILE A 26 30.62 -0.22 6.51
C ILE A 26 29.14 -0.05 6.83
N LYS A 27 28.58 -1.01 7.57
CA LYS A 27 27.15 -1.00 7.85
C LYS A 27 26.71 -0.52 9.24
N PRO A 28 26.36 0.77 9.38
CA PRO A 28 25.91 1.29 10.69
C PRO A 28 24.52 0.75 10.95
N ASN A 29 24.07 0.74 12.21
CA ASN A 29 22.73 0.22 12.54
C ASN A 29 22.56 -1.18 11.92
N ALA A 30 23.64 -1.96 11.90
CA ALA A 30 23.64 -3.30 11.31
C ALA A 30 23.19 -4.44 12.20
N GLN A 31 21.94 -4.85 12.09
CA GLN A 31 21.43 -5.97 12.90
C GLN A 31 22.20 -7.21 12.44
N LYS A 32 22.24 -7.41 11.12
CA LYS A 32 22.96 -8.53 10.55
C LYS A 32 24.24 -7.97 9.92
N PRO A 33 25.37 -8.68 10.08
CA PRO A 33 26.64 -8.22 9.53
C PRO A 33 26.58 -7.98 8.02
N LEU A 34 27.60 -7.31 7.50
CA LEU A 34 27.71 -7.03 6.08
C LEU A 34 28.87 -7.90 5.60
N PRO A 35 28.73 -8.53 4.42
CA PRO A 35 29.81 -9.40 3.90
C PRO A 35 31.19 -8.74 3.85
N GLN A 36 32.23 -9.50 4.18
CA GLN A 36 33.58 -8.97 4.18
C GLN A 36 34.05 -8.65 2.78
N ALA A 37 33.34 -9.16 1.78
CA ALA A 37 33.69 -8.89 0.40
C ALA A 37 33.49 -7.40 0.14
N LEU A 38 32.48 -6.83 0.82
CA LEU A 38 32.16 -5.42 0.69
C LEU A 38 33.02 -4.53 1.60
N SER A 39 33.97 -5.15 2.31
CA SER A 39 34.87 -4.43 3.20
C SER A 39 35.75 -3.49 2.38
N LYS A 40 36.11 -2.35 2.96
CA LYS A 40 36.95 -1.38 2.25
C LYS A 40 38.35 -1.98 2.04
N GLU A 41 38.67 -2.99 2.85
CA GLU A 41 39.96 -3.65 2.78
C GLU A 41 39.99 -4.72 1.68
N ARG A 42 38.94 -5.55 1.63
CA ARG A 42 38.84 -6.61 0.64
C ARG A 42 38.40 -6.09 -0.73
N ARG A 43 38.81 -4.86 -1.06
CA ARG A 43 38.47 -4.22 -2.33
C ARG A 43 39.70 -3.56 -2.95
N GLN A 73 27.15 -15.59 2.61
CA GLN A 73 26.93 -14.18 2.31
C GLN A 73 26.81 -13.96 0.81
N ASP A 74 26.04 -12.95 0.43
CA ASP A 74 25.84 -12.61 -0.98
C ASP A 74 26.07 -11.11 -1.19
N MET A 75 27.31 -10.75 -1.52
CA MET A 75 27.66 -9.35 -1.73
C MET A 75 26.69 -8.63 -2.66
N PHE A 76 26.10 -9.37 -3.59
CA PHE A 76 25.16 -8.79 -4.53
C PHE A 76 23.75 -8.68 -3.94
N ALA A 77 23.62 -8.84 -2.64
CA ALA A 77 22.31 -8.75 -1.98
C ALA A 77 22.09 -7.37 -1.36
N HIS A 78 20.83 -7.06 -1.05
CA HIS A 78 20.48 -5.79 -0.42
C HIS A 78 21.13 -5.83 0.96
N PRO A 79 22.05 -4.88 1.23
CA PRO A 79 22.79 -4.75 2.49
C PRO A 79 21.95 -4.69 3.77
N TYR A 80 20.79 -4.04 3.71
CA TYR A 80 19.92 -3.92 4.89
C TYR A 80 18.67 -4.77 4.76
N GLN A 81 18.73 -5.79 3.91
CA GLN A 81 17.63 -6.71 3.68
C GLN A 81 17.00 -7.23 4.98
N TYR A 82 17.86 -7.73 5.86
CA TYR A 82 17.41 -8.28 7.13
C TYR A 82 16.73 -7.27 8.03
N GLU A 83 17.41 -6.16 8.31
CA GLU A 83 16.88 -5.12 9.18
C GLU A 83 15.55 -4.50 8.72
N LEU A 84 15.35 -4.40 7.41
CA LEU A 84 14.12 -3.84 6.87
C LEU A 84 13.01 -4.88 6.99
N ASN A 85 13.37 -6.15 6.87
CA ASN A 85 12.40 -7.23 6.98
C ASN A 85 12.02 -7.42 8.45
N HIS A 86 12.86 -6.90 9.34
CA HIS A 86 12.63 -7.02 10.77
C HIS A 86 12.51 -5.67 11.47
N PHE A 87 11.78 -4.75 10.85
CA PHE A 87 11.57 -3.41 11.41
C PHE A 87 10.10 -3.15 11.67
N THR A 88 9.83 -2.37 12.72
CA THR A 88 8.46 -2.01 13.08
C THR A 88 8.47 -0.58 13.65
N PRO A 89 7.45 0.22 13.30
CA PRO A 89 7.36 1.60 13.79
C PRO A 89 7.04 1.65 15.29
N ALA A 90 7.85 2.42 16.02
CA ALA A 90 7.68 2.57 17.46
C ALA A 90 6.23 2.94 17.74
N ASP A 91 5.76 2.63 18.93
CA ASP A 91 4.39 2.95 19.31
C ASP A 91 4.21 4.45 19.45
N ALA A 92 5.30 5.14 19.77
CA ALA A 92 5.27 6.59 19.95
C ALA A 92 4.73 7.31 18.70
N VAL A 93 5.15 6.87 17.52
CA VAL A 93 4.71 7.49 16.27
C VAL A 93 3.32 7.00 15.82
N LEU A 94 2.92 5.84 16.32
CA LEU A 94 1.62 5.26 15.98
C LEU A 94 0.48 5.84 16.78
N GLN A 95 0.80 6.67 17.76
CA GLN A 95 -0.20 7.29 18.61
C GLN A 95 -0.69 8.61 18.04
N LYS A 96 -1.90 9.01 18.41
CA LYS A 96 -2.48 10.25 17.92
C LYS A 96 -1.43 11.34 17.97
N PRO A 97 -0.97 11.78 16.79
CA PRO A 97 0.04 12.83 16.71
C PRO A 97 -0.52 14.23 16.90
N GLN A 98 0.32 15.12 17.42
CA GLN A 98 -0.05 16.52 17.61
C GLN A 98 0.78 17.27 16.58
N PRO A 99 0.22 17.50 15.39
CA PRO A 99 0.95 18.20 14.33
C PRO A 99 1.75 19.41 14.82
N GLN A 100 2.88 19.64 14.16
CA GLN A 100 3.74 20.77 14.49
C GLN A 100 3.92 21.58 13.22
N LEU A 101 3.15 22.66 13.10
CA LEU A 101 3.20 23.52 11.93
C LEU A 101 4.60 23.82 11.43
N TYR A 102 4.74 23.82 10.11
CA TYR A 102 6.02 24.07 9.48
C TYR A 102 6.49 25.49 9.80
N ARG A 103 7.78 25.61 10.12
CA ARG A 103 8.36 26.90 10.45
C ARG A 103 8.26 27.82 9.24
N PRO A 104 8.00 29.12 9.47
CA PRO A 104 7.90 30.05 8.34
C PRO A 104 9.19 30.09 7.53
N ILE A 105 9.05 29.92 6.22
CA ILE A 105 10.17 29.94 5.31
C ILE A 105 11.04 31.19 5.55
N GLU A 106 10.40 32.28 5.98
CA GLU A 106 11.06 33.55 6.25
C GLU A 106 12.00 33.46 7.44
N GLU A 107 11.61 32.64 8.41
CA GLU A 107 12.37 32.46 9.64
C GLU A 107 13.08 31.12 9.75
N THR A 108 13.13 30.38 8.65
CA THR A 108 13.81 29.09 8.67
C THR A 108 15.19 29.23 8.03
N PRO A 109 16.24 28.87 8.79
CA PRO A 109 17.61 28.94 8.28
C PRO A 109 17.87 27.96 7.15
N CYS A 110 18.72 28.34 6.21
CA CYS A 110 19.06 27.47 5.09
C CYS A 110 20.56 27.27 5.10
N HIS A 111 20.99 26.01 5.14
CA HIS A 111 22.40 25.65 5.19
C HIS A 111 22.86 24.90 3.95
N PHE A 112 23.95 25.38 3.33
CA PHE A 112 24.51 24.72 2.15
C PHE A 112 25.64 23.83 2.67
N ILE A 113 25.69 22.58 2.20
CA ILE A 113 26.73 21.67 2.66
C ILE A 113 27.55 21.08 1.52
N SER A 114 28.82 21.45 1.44
CA SER A 114 29.66 20.93 0.36
C SER A 114 30.97 20.32 0.82
N SER A 115 31.24 20.38 2.12
CA SER A 115 32.48 19.79 2.61
C SER A 115 32.22 18.70 3.66
N LEU A 116 33.16 17.76 3.74
CA LEU A 116 33.07 16.66 4.67
C LEU A 116 32.69 17.08 6.09
N ASP A 117 33.33 18.13 6.62
CA ASP A 117 33.03 18.61 7.98
C ASP A 117 31.55 18.97 8.06
N GLU A 118 31.08 19.70 7.06
CA GLU A 118 29.69 20.12 7.02
C GLU A 118 28.80 18.88 7.11
N LEU A 119 29.08 17.91 6.24
CA LEU A 119 28.33 16.66 6.18
C LEU A 119 28.32 15.92 7.52
N VAL A 120 29.51 15.73 8.09
CA VAL A 120 29.65 15.04 9.36
C VAL A 120 28.92 15.77 10.49
N GLU A 121 28.95 17.10 10.48
CA GLU A 121 28.27 17.88 11.52
C GLU A 121 26.76 17.76 11.42
N LEU A 122 26.24 17.67 10.20
CA LEU A 122 24.80 17.54 9.99
C LEU A 122 24.37 16.16 10.50
N ASN A 123 25.07 15.12 10.07
CA ASN A 123 24.76 13.78 10.50
C ASN A 123 24.50 13.75 12.00
N GLU A 124 25.45 14.29 12.76
CA GLU A 124 25.34 14.33 14.22
C GLU A 124 24.01 14.95 14.62
N LYS A 125 23.70 16.08 14.00
CA LYS A 125 22.46 16.80 14.26
C LYS A 125 21.25 15.88 14.00
N LEU A 126 21.27 15.17 12.87
CA LEU A 126 20.20 14.26 12.47
C LEU A 126 20.05 13.11 13.45
N LEU A 127 21.18 12.59 13.91
CA LEU A 127 21.18 11.48 14.85
C LEU A 127 20.40 11.83 16.12
N ASN A 128 20.30 13.13 16.40
CA ASN A 128 19.58 13.61 17.58
C ASN A 128 18.13 14.00 17.26
N CYS A 129 17.71 13.75 16.03
CA CYS A 129 16.36 14.07 15.57
C CYS A 129 15.33 12.97 15.80
N GLN A 130 14.08 13.41 15.88
CA GLN A 130 12.93 12.54 16.09
C GLN A 130 12.42 12.05 14.72
N GLU A 131 12.65 12.87 13.69
CA GLU A 131 12.25 12.55 12.32
C GLU A 131 12.68 13.71 11.40
N PHE A 132 13.00 13.41 10.14
CA PHE A 132 13.40 14.46 9.19
C PHE A 132 12.99 14.20 7.73
N ALA A 133 12.87 15.28 6.96
CA ALA A 133 12.49 15.18 5.56
C ALA A 133 13.68 14.90 4.65
N VAL A 134 13.41 14.25 3.52
CA VAL A 134 14.44 13.87 2.56
C VAL A 134 13.92 13.88 1.10
N ASP A 135 14.69 14.46 0.19
CA ASP A 135 14.35 14.49 -1.23
C ASP A 135 15.65 14.70 -2.00
N LEU A 136 15.65 14.40 -3.29
CA LEU A 136 16.84 14.53 -4.11
C LEU A 136 16.58 15.28 -5.39
N GLU A 137 17.68 15.63 -6.06
CA GLU A 137 17.62 16.30 -7.36
C GLU A 137 18.45 15.41 -8.25
N HIS A 138 17.88 15.03 -9.37
CA HIS A 138 18.55 14.14 -10.29
C HIS A 138 18.83 14.75 -11.67
N HIS A 139 19.64 14.06 -12.46
CA HIS A 139 19.95 14.50 -13.80
C HIS A 139 20.19 13.23 -14.63
N SER A 140 19.66 13.20 -15.85
CA SER A 140 19.85 12.00 -16.66
C SER A 140 20.24 12.24 -18.11
N TYR A 141 20.10 13.47 -18.61
CA TYR A 141 20.45 13.73 -20.00
C TYR A 141 21.94 13.54 -20.33
N ARG A 142 22.83 14.09 -19.49
CA ARG A 142 24.26 13.98 -19.72
C ARG A 142 24.87 12.94 -18.78
N SER A 143 24.28 11.75 -18.77
CA SER A 143 24.74 10.65 -17.92
C SER A 143 24.17 9.38 -18.49
N PHE A 144 24.89 8.27 -18.34
CA PHE A 144 24.35 7.03 -18.87
C PHE A 144 23.36 6.44 -17.88
N LEU A 145 23.76 6.30 -16.62
CA LEU A 145 22.88 5.72 -15.61
C LEU A 145 22.04 6.73 -14.85
N GLY A 146 22.39 8.00 -14.96
CA GLY A 146 21.67 9.01 -14.22
C GLY A 146 22.62 9.42 -13.13
N LEU A 147 22.42 10.60 -12.55
CA LEU A 147 23.33 11.08 -11.52
C LEU A 147 22.62 11.95 -10.49
N THR A 148 22.89 11.70 -9.21
CA THR A 148 22.29 12.53 -8.16
C THR A 148 23.15 13.79 -7.99
N CYS A 149 22.52 14.94 -8.17
CA CYS A 149 23.22 16.21 -8.07
C CYS A 149 23.00 16.92 -6.76
N LEU A 150 21.89 16.62 -6.10
CA LEU A 150 21.58 17.33 -4.87
C LEU A 150 20.69 16.53 -3.93
N MET A 151 20.89 16.74 -2.64
CA MET A 151 20.06 16.08 -1.63
C MET A 151 19.51 17.13 -0.69
N GLN A 152 18.28 16.96 -0.26
CA GLN A 152 17.70 17.92 0.65
C GLN A 152 17.16 17.25 1.89
N ILE A 153 17.41 17.86 3.04
CA ILE A 153 16.91 17.32 4.30
C ILE A 153 16.37 18.48 5.10
N SER A 154 15.32 18.23 5.88
CA SER A 154 14.74 19.27 6.73
C SER A 154 14.43 18.73 8.11
N THR A 155 14.83 19.48 9.14
CA THR A 155 14.52 19.07 10.50
C THR A 155 13.27 19.87 10.83
N ARG A 156 12.84 19.85 12.09
CA ARG A 156 11.65 20.60 12.47
C ARG A 156 11.91 22.11 12.40
N THR A 157 13.18 22.49 12.47
CA THR A 157 13.58 23.91 12.45
C THR A 157 14.53 24.43 11.37
N GLU A 158 15.28 23.54 10.71
CA GLU A 158 16.21 24.01 9.68
C GLU A 158 16.12 23.26 8.35
N ASP A 159 16.53 23.95 7.29
CA ASP A 159 16.54 23.37 5.95
C ASP A 159 17.98 23.22 5.48
N PHE A 160 18.32 22.01 5.03
CA PHE A 160 19.67 21.73 4.54
C PHE A 160 19.67 21.34 3.07
N ILE A 161 20.74 21.73 2.39
CA ILE A 161 20.92 21.41 0.98
C ILE A 161 22.34 20.86 0.86
N ILE A 162 22.47 19.67 0.27
CA ILE A 162 23.78 19.03 0.12
C ILE A 162 24.21 18.89 -1.32
N ASP A 163 25.47 19.24 -1.59
CA ASP A 163 26.02 19.14 -2.94
C ASP A 163 26.55 17.73 -3.09
N THR A 164 25.70 16.84 -3.60
CA THR A 164 26.06 15.44 -3.77
C THR A 164 27.01 15.19 -4.94
N LEU A 165 27.42 16.23 -5.65
CA LEU A 165 28.38 16.07 -6.73
C LEU A 165 29.73 16.28 -6.05
N GLU A 166 29.82 17.37 -5.30
CA GLU A 166 31.02 17.71 -4.56
C GLU A 166 31.31 16.61 -3.52
N LEU A 167 30.32 16.33 -2.68
CA LEU A 167 30.42 15.33 -1.61
C LEU A 167 30.14 13.88 -2.01
N ARG A 168 30.15 13.58 -3.30
CA ARG A 168 29.86 12.24 -3.79
C ARG A 168 30.48 11.06 -3.02
N SER A 169 31.81 10.98 -3.00
CA SER A 169 32.49 9.89 -2.32
C SER A 169 32.32 9.90 -0.79
N ASP A 170 31.82 11.00 -0.23
CA ASP A 170 31.64 11.13 1.22
C ASP A 170 30.21 10.86 1.72
N MET A 171 29.24 10.96 0.82
CA MET A 171 27.84 10.78 1.18
C MET A 171 27.49 9.60 2.06
N TYR A 172 28.16 8.47 1.82
CA TYR A 172 27.89 7.25 2.58
C TYR A 172 27.76 7.47 4.10
N ILE A 173 28.46 8.48 4.60
CA ILE A 173 28.42 8.78 6.02
C ILE A 173 26.99 8.89 6.54
N LEU A 174 26.10 9.45 5.71
CA LEU A 174 24.70 9.63 6.10
C LEU A 174 23.96 8.35 6.48
N ASN A 175 24.53 7.19 6.13
CA ASN A 175 23.89 5.91 6.45
C ASN A 175 23.66 5.76 7.95
N GLU A 176 24.51 6.38 8.75
CA GLU A 176 24.35 6.29 10.19
C GLU A 176 22.98 6.78 10.63
N SER A 177 22.50 7.87 10.01
CA SER A 177 21.19 8.43 10.37
C SER A 177 20.01 7.94 9.54
N LEU A 178 20.29 7.55 8.30
CA LEU A 178 19.27 7.07 7.38
C LEU A 178 18.89 5.62 7.65
N THR A 179 19.82 4.85 8.20
CA THR A 179 19.57 3.45 8.48
C THR A 179 19.30 3.21 9.96
N ASP A 180 18.96 4.28 10.67
CA ASP A 180 18.66 4.19 12.10
C ASP A 180 17.14 4.07 12.30
N PRO A 181 16.66 2.85 12.60
CA PRO A 181 15.25 2.54 12.82
C PRO A 181 14.61 3.38 13.92
N ALA A 182 15.43 4.13 14.63
CA ALA A 182 14.96 4.99 15.71
C ALA A 182 14.39 6.28 15.16
N ILE A 183 14.98 6.77 14.08
CA ILE A 183 14.53 8.01 13.47
C ILE A 183 13.71 7.75 12.20
N VAL A 184 12.61 8.49 12.07
CA VAL A 184 11.71 8.34 10.92
C VAL A 184 12.08 9.29 9.78
N LYS A 185 12.21 8.76 8.57
CA LYS A 185 12.54 9.57 7.40
C LYS A 185 11.33 9.78 6.48
N VAL A 186 10.80 11.00 6.47
CA VAL A 186 9.64 11.33 5.64
C VAL A 186 10.03 11.62 4.18
N PHE A 187 9.37 10.94 3.25
CA PHE A 187 9.60 11.05 1.81
C PHE A 187 8.27 11.27 1.08
N HIS A 188 8.35 11.66 -0.20
CA HIS A 188 7.16 11.80 -1.04
C HIS A 188 7.51 11.09 -2.33
N GLY A 189 6.96 9.88 -2.52
CA GLY A 189 7.30 9.14 -3.71
C GLY A 189 8.80 8.95 -3.71
N ALA A 190 9.27 7.95 -2.95
CA ALA A 190 10.70 7.68 -2.83
C ALA A 190 11.22 6.55 -3.73
N ASP A 191 10.32 5.96 -4.51
CA ASP A 191 10.68 4.85 -5.39
C ASP A 191 12.02 5.02 -6.11
N SER A 192 12.15 6.12 -6.86
CA SER A 192 13.36 6.38 -7.60
C SER A 192 14.52 6.74 -6.68
N ASP A 193 14.23 7.61 -5.70
CA ASP A 193 15.21 8.05 -4.71
C ASP A 193 15.95 6.87 -4.11
N ILE A 194 15.23 5.91 -3.56
CA ILE A 194 15.85 4.73 -2.95
C ILE A 194 16.88 4.13 -3.89
N GLU A 195 16.51 4.00 -5.16
CA GLU A 195 17.39 3.42 -6.15
C GLU A 195 18.66 4.27 -6.36
N TRP A 196 18.47 5.58 -6.49
CA TRP A 196 19.61 6.47 -6.68
C TRP A 196 20.56 6.49 -5.48
N LEU A 197 20.02 6.62 -4.27
CA LEU A 197 20.82 6.67 -3.06
C LEU A 197 21.86 5.55 -2.96
N GLN A 198 21.55 4.38 -3.54
CA GLN A 198 22.51 3.30 -3.49
C GLN A 198 23.40 3.20 -4.72
N LYS A 199 22.88 3.56 -5.88
CA LYS A 199 23.67 3.52 -7.10
C LYS A 199 24.83 4.52 -7.04
N ASP A 200 24.52 5.72 -6.57
CA ASP A 200 25.48 6.81 -6.50
C ASP A 200 26.34 6.89 -5.25
N PHE A 201 25.75 6.63 -4.09
CA PHE A 201 26.50 6.74 -2.86
C PHE A 201 26.57 5.47 -2.01
N GLY A 202 25.65 4.55 -2.20
CA GLY A 202 25.64 3.34 -1.38
C GLY A 202 24.91 3.63 -0.08
N LEU A 203 23.86 4.45 -0.18
CA LEU A 203 23.03 4.85 0.96
C LEU A 203 21.72 4.09 1.00
N TYR A 204 21.36 3.61 2.18
CA TYR A 204 20.12 2.85 2.36
C TYR A 204 19.24 3.51 3.41
N VAL A 205 17.94 3.28 3.35
CA VAL A 205 17.02 3.89 4.31
C VAL A 205 16.25 2.87 5.15
N VAL A 206 16.31 3.03 6.48
CA VAL A 206 15.58 2.14 7.38
C VAL A 206 14.68 2.99 8.27
N ASN A 207 13.37 2.76 8.13
CA ASN A 207 12.30 3.48 8.84
C ASN A 207 11.96 4.71 8.01
N MET A 208 11.03 4.53 7.09
CA MET A 208 10.62 5.58 6.18
C MET A 208 9.11 5.64 5.97
N PHE A 209 8.57 6.85 6.08
CA PHE A 209 7.14 7.11 5.90
C PHE A 209 6.97 7.86 4.57
N ASP A 210 6.50 7.17 3.54
CA ASP A 210 6.30 7.79 2.23
C ASP A 210 4.94 8.47 2.16
N THR A 211 4.93 9.80 2.08
CA THR A 211 3.67 10.56 2.02
C THR A 211 2.85 10.30 0.76
N HIS A 212 3.47 9.71 -0.25
CA HIS A 212 2.72 9.39 -1.46
C HIS A 212 1.93 8.10 -1.17
N GLN A 213 2.45 7.27 -0.27
CA GLN A 213 1.79 6.02 0.11
C GLN A 213 0.59 6.32 0.98
N ALA A 214 0.72 7.38 1.78
CA ALA A 214 -0.34 7.83 2.68
C ALA A 214 -1.46 8.49 1.88
N ALA A 215 -1.11 9.14 0.76
CA ALA A 215 -2.10 9.80 -0.10
C ALA A 215 -2.93 8.79 -0.88
N ARG A 216 -2.36 7.59 -1.07
CA ARG A 216 -3.06 6.53 -1.80
C ARG A 216 -4.21 6.00 -0.98
N LEU A 217 -3.98 5.81 0.33
CA LEU A 217 -5.03 5.33 1.23
C LEU A 217 -6.09 6.42 1.39
N LEU A 218 -5.67 7.58 1.88
CA LEU A 218 -6.59 8.69 2.10
C LEU A 218 -7.21 9.22 0.81
N ASN A 219 -6.64 8.85 -0.35
CA ASN A 219 -7.13 9.29 -1.66
C ASN A 219 -6.87 10.77 -1.91
N HIS A 223 -2.64 15.82 -7.72
CA HIS A 223 -2.07 14.51 -7.43
C HIS A 223 -0.87 14.57 -6.49
N SER A 224 -1.10 14.12 -5.27
CA SER A 224 -0.09 14.08 -4.23
C SER A 224 0.50 15.44 -3.83
N LEU A 225 1.82 15.51 -3.66
CA LEU A 225 2.49 16.73 -3.20
C LEU A 225 1.98 18.07 -3.76
N ASP A 226 1.51 18.08 -5.01
CA ASP A 226 1.00 19.33 -5.57
C ASP A 226 -0.22 19.69 -4.73
N HIS A 227 -0.99 18.66 -4.42
CA HIS A 227 -2.19 18.75 -3.62
C HIS A 227 -1.83 18.82 -2.14
N LEU A 228 -0.93 17.93 -1.72
CA LEU A 228 -0.48 17.85 -0.33
C LEU A 228 0.02 19.19 0.18
N LEU A 229 0.60 19.97 -0.73
CA LEU A 229 1.13 21.27 -0.36
C LEU A 229 0.02 22.31 -0.35
N LYS A 230 -0.97 22.13 -1.21
CA LYS A 230 -2.10 23.05 -1.31
C LYS A 230 -3.25 22.68 -0.37
N LEU A 231 -3.41 21.38 -0.12
CA LEU A 231 -4.47 20.89 0.78
C LEU A 231 -4.14 21.01 2.26
N TYR A 232 -2.87 20.85 2.60
CA TYR A 232 -2.44 20.90 3.99
C TYR A 232 -1.81 22.21 4.44
N CYS A 233 -1.21 22.93 3.52
CA CYS A 233 -0.53 24.17 3.87
C CYS A 233 -1.06 25.36 3.08
N ASN A 234 -1.87 25.09 2.07
CA ASN A 234 -2.41 26.15 1.24
C ASN A 234 -1.22 26.93 0.65
N VAL A 235 -0.38 26.19 -0.07
CA VAL A 235 0.81 26.73 -0.73
C VAL A 235 0.88 26.09 -2.13
N ASP A 236 1.28 26.87 -3.14
CA ASP A 236 1.36 26.39 -4.52
C ASP A 236 2.76 26.41 -5.14
N SER A 237 3.69 25.64 -4.59
CA SER A 237 5.08 25.60 -5.09
C SER A 237 5.13 25.49 -6.61
N ASN A 238 5.44 26.61 -7.25
CA ASN A 238 5.50 26.67 -8.70
C ASN A 238 6.47 25.69 -9.31
N LYS A 239 7.76 26.01 -9.25
CA LYS A 239 8.82 25.20 -9.84
C LYS A 239 8.97 23.77 -9.28
N GLN A 240 7.89 23.20 -8.76
CA GLN A 240 7.95 21.85 -8.20
C GLN A 240 8.01 20.73 -9.23
N TYR A 241 7.24 20.86 -10.30
CA TYR A 241 7.22 19.82 -11.32
C TYR A 241 8.09 20.23 -12.49
N GLN A 242 9.01 21.14 -12.22
CA GLN A 242 9.91 21.64 -13.25
C GLN A 242 11.23 20.87 -13.41
N LEU A 243 11.58 20.62 -14.67
CA LEU A 243 12.81 19.92 -15.04
C LEU A 243 13.90 20.94 -15.20
N ALA A 244 15.00 20.76 -14.47
CA ALA A 244 16.11 21.69 -14.55
C ALA A 244 17.41 20.89 -14.46
N ASP A 245 18.49 21.48 -14.94
CA ASP A 245 19.80 20.84 -14.91
C ASP A 245 20.37 21.14 -13.53
N TRP A 246 20.33 20.16 -12.63
CA TRP A 246 20.85 20.37 -11.28
C TRP A 246 22.38 20.26 -11.18
N ARG A 247 23.05 20.07 -12.30
CA ARG A 247 24.51 20.00 -12.33
C ARG A 247 25.09 21.41 -12.22
N ILE A 248 24.26 22.40 -12.55
CA ILE A 248 24.65 23.79 -12.53
C ILE A 248 25.20 24.29 -11.20
N ARG A 249 26.32 24.99 -11.27
CA ARG A 249 26.95 25.55 -10.09
C ARG A 249 27.48 26.93 -10.48
N PRO A 250 27.16 27.97 -9.70
CA PRO A 250 26.33 27.92 -8.47
C PRO A 250 24.85 27.75 -8.74
N LEU A 251 24.15 27.18 -7.76
CA LEU A 251 22.73 26.97 -7.86
C LEU A 251 22.10 28.32 -7.55
N PRO A 252 21.31 28.85 -8.48
CA PRO A 252 20.67 30.14 -8.23
C PRO A 252 19.67 30.03 -7.08
N GLU A 253 19.32 31.16 -6.49
CA GLU A 253 18.38 31.18 -5.38
C GLU A 253 17.05 30.52 -5.71
N GLU A 254 16.64 30.64 -6.97
CA GLU A 254 15.38 30.06 -7.44
C GLU A 254 15.35 28.56 -7.29
N MET A 255 16.41 27.89 -7.72
CA MET A 255 16.49 26.43 -7.61
C MET A 255 16.75 26.04 -6.16
N LEU A 256 17.52 26.85 -5.46
CA LEU A 256 17.80 26.56 -4.07
C LEU A 256 16.45 26.58 -3.36
N SER A 257 15.60 27.52 -3.74
CA SER A 257 14.30 27.65 -3.10
C SER A 257 13.36 26.51 -3.48
N ALA A 258 13.37 26.12 -4.75
CA ALA A 258 12.54 25.03 -5.22
C ALA A 258 13.02 23.72 -4.61
N ALA A 259 14.31 23.64 -4.31
CA ALA A 259 14.88 22.44 -3.72
C ALA A 259 14.44 22.28 -2.26
N ARG A 260 14.52 23.36 -1.49
CA ARG A 260 14.14 23.29 -0.08
C ARG A 260 12.64 23.10 0.09
N ASP A 261 11.85 23.60 -0.87
CA ASP A 261 10.40 23.47 -0.82
C ASP A 261 9.95 22.00 -0.81
N ASP A 262 10.77 21.13 -1.38
CA ASP A 262 10.47 19.71 -1.44
C ASP A 262 10.56 18.99 -0.10
N THR A 263 11.15 19.63 0.90
CA THR A 263 11.28 18.99 2.23
C THR A 263 10.86 19.87 3.41
N HIS A 264 10.71 21.17 3.19
CA HIS A 264 10.35 22.10 4.25
C HIS A 264 8.99 21.84 4.92
N TYR A 265 8.05 21.29 4.16
CA TYR A 265 6.71 21.03 4.68
C TYR A 265 6.36 19.57 4.98
N LEU A 266 7.23 18.65 4.58
CA LEU A 266 6.98 17.21 4.79
C LEU A 266 6.74 16.72 6.20
N LEU A 267 7.40 17.28 7.20
CA LEU A 267 7.19 16.82 8.57
C LEU A 267 5.80 17.19 9.05
N TYR A 268 5.35 18.40 8.71
CA TYR A 268 4.02 18.88 9.07
C TYR A 268 2.99 17.96 8.41
N ILE A 269 3.13 17.78 7.09
CA ILE A 269 2.25 16.93 6.30
C ILE A 269 2.33 15.51 6.86
N TYR A 270 3.51 15.15 7.35
CA TYR A 270 3.74 13.83 7.93
C TYR A 270 2.86 13.68 9.15
N ASP A 271 2.76 14.75 9.95
CA ASP A 271 1.93 14.75 11.16
C ASP A 271 0.44 14.81 10.80
N LYS A 272 0.10 15.78 9.95
CA LYS A 272 -1.27 16.00 9.52
C LYS A 272 -1.86 14.82 8.74
N MET A 273 -1.02 13.90 8.29
CA MET A 273 -1.54 12.74 7.55
C MET A 273 -1.75 11.55 8.46
N ARG A 274 -0.95 11.45 9.52
CA ARG A 274 -1.10 10.36 10.49
C ARG A 274 -2.30 10.72 11.35
N LEU A 275 -2.64 12.01 11.37
CA LEU A 275 -3.77 12.52 12.13
C LEU A 275 -5.06 12.13 11.44
N GLU A 276 -5.25 12.67 10.23
CA GLU A 276 -6.44 12.40 9.43
C GLU A 276 -6.48 10.94 8.99
N MET A 277 -5.60 10.13 9.56
CA MET A 277 -5.52 8.71 9.24
C MET A 277 -5.79 7.90 10.51
N TRP A 278 -5.50 8.52 11.65
CA TRP A 278 -5.73 7.92 12.95
C TRP A 278 -7.18 8.25 13.28
N GLU A 279 -7.66 9.34 12.70
CA GLU A 279 -9.04 9.77 12.89
C GLU A 279 -9.97 8.95 12.00
N ARG A 280 -9.43 7.87 11.45
CA ARG A 280 -10.20 6.98 10.58
C ARG A 280 -10.19 5.55 11.08
N GLY A 281 -9.11 5.18 11.78
CA GLY A 281 -9.03 3.83 12.30
C GLY A 281 -9.70 3.74 13.65
N ASN A 282 -10.43 4.79 14.01
CA ASN A 282 -11.14 4.90 15.29
C ASN A 282 -10.17 5.02 16.45
N GLY A 283 -8.93 5.38 16.14
CA GLY A 283 -7.92 5.51 17.16
C GLY A 283 -7.07 4.26 17.28
N GLN A 284 -6.83 3.59 16.15
CA GLN A 284 -6.04 2.38 16.13
C GLN A 284 -5.00 2.46 15.01
N PRO A 285 -3.75 2.06 15.29
CA PRO A 285 -2.67 2.09 14.28
C PRO A 285 -2.90 1.12 13.12
N VAL A 286 -4.02 1.29 12.44
CA VAL A 286 -4.40 0.44 11.31
C VAL A 286 -3.73 0.89 10.02
N GLN A 287 -4.18 2.02 9.52
CA GLN A 287 -3.67 2.60 8.28
C GLN A 287 -2.28 3.19 8.44
N LEU A 288 -1.86 3.39 9.69
CA LEU A 288 -0.53 3.92 9.94
C LEU A 288 0.54 2.86 9.69
N GLN A 289 0.34 1.67 10.26
CA GLN A 289 1.30 0.59 10.09
C GLN A 289 1.37 0.10 8.65
N VAL A 290 0.33 0.40 7.87
CA VAL A 290 0.27 0.03 6.46
C VAL A 290 1.18 0.95 5.64
N VAL A 291 1.12 2.25 5.92
CA VAL A 291 1.95 3.22 5.23
C VAL A 291 3.41 2.91 5.52
N TRP A 292 3.69 2.48 6.74
CA TRP A 292 5.06 2.14 7.15
C TRP A 292 5.48 0.81 6.53
N GLN A 293 4.53 -0.11 6.39
CA GLN A 293 4.82 -1.39 5.81
C GLN A 293 5.13 -1.23 4.33
N ARG A 294 4.27 -0.51 3.62
CA ARG A 294 4.47 -0.28 2.19
C ARG A 294 5.76 0.48 1.93
N SER A 295 5.94 1.57 2.66
CA SER A 295 7.12 2.40 2.51
C SER A 295 8.43 1.64 2.72
N ARG A 296 8.47 0.78 3.74
CA ARG A 296 9.70 0.04 3.98
C ARG A 296 9.96 -0.95 2.84
N ASP A 297 8.92 -1.26 2.07
CA ASP A 297 9.08 -2.17 0.94
C ASP A 297 9.77 -1.43 -0.19
N ILE A 298 9.55 -0.12 -0.26
CA ILE A 298 10.18 0.72 -1.28
C ILE A 298 11.67 0.76 -0.93
N CYS A 299 11.97 0.70 0.36
CA CYS A 299 13.35 0.71 0.84
C CYS A 299 14.08 -0.58 0.43
N LEU A 300 13.32 -1.63 0.18
CA LEU A 300 13.90 -2.89 -0.21
C LEU A 300 14.18 -2.97 -1.71
N LYS A 301 13.66 -2.01 -2.47
CA LYS A 301 13.92 -2.03 -3.90
C LYS A 301 15.44 -2.00 -4.07
N LYS A 302 15.93 -2.65 -5.11
CA LYS A 302 17.36 -2.68 -5.40
C LYS A 302 17.61 -2.09 -6.77
N PHE A 303 18.82 -1.56 -6.96
CA PHE A 303 19.18 -0.99 -8.25
C PHE A 303 19.70 -2.08 -9.16
N ILE A 304 19.36 -1.98 -10.45
CA ILE A 304 19.80 -2.95 -11.44
C ILE A 304 20.27 -2.20 -12.67
N LYS A 305 21.48 -2.51 -13.13
CA LYS A 305 22.00 -1.85 -14.33
C LYS A 305 21.09 -2.20 -15.51
N PRO A 306 20.66 -1.19 -16.27
CA PRO A 306 19.79 -1.41 -17.42
C PRO A 306 20.51 -2.09 -18.58
N ILE A 307 19.73 -2.77 -19.41
CA ILE A 307 20.20 -3.49 -20.58
C ILE A 307 19.32 -3.13 -21.76
N PHE A 308 19.93 -2.94 -22.94
CA PHE A 308 19.13 -2.58 -24.11
C PHE A 308 19.43 -3.39 -25.34
N THR A 309 18.38 -3.97 -25.93
CA THR A 309 18.53 -4.75 -27.13
C THR A 309 17.78 -4.06 -28.26
N ASP A 310 18.36 -4.09 -29.45
CA ASP A 310 17.73 -3.48 -30.61
C ASP A 310 16.49 -4.28 -31.01
N GLU A 311 16.31 -5.44 -30.39
CA GLU A 311 15.17 -6.29 -30.68
C GLU A 311 13.87 -5.54 -30.35
N SER A 312 13.87 -4.86 -29.21
CA SER A 312 12.73 -4.09 -28.75
C SER A 312 12.19 -3.18 -29.85
N TYR A 313 13.08 -2.32 -30.38
CA TYR A 313 12.73 -1.38 -31.44
C TYR A 313 12.33 -2.05 -32.74
N LEU A 314 13.11 -3.02 -33.19
CA LEU A 314 12.82 -3.74 -34.44
C LEU A 314 11.44 -4.38 -34.42
N GLU A 315 11.01 -4.82 -33.23
CA GLU A 315 9.69 -5.44 -33.04
C GLU A 315 8.61 -4.37 -33.08
N LEU A 316 8.97 -3.17 -32.63
CA LEU A 316 8.06 -2.04 -32.62
C LEU A 316 7.85 -1.53 -34.05
N TYR A 317 8.94 -1.43 -34.81
CA TYR A 317 8.86 -0.95 -36.19
C TYR A 317 8.11 -1.95 -37.05
N ARG A 318 8.08 -3.21 -36.61
CA ARG A 318 7.39 -4.26 -37.32
C ARG A 318 5.88 -4.07 -37.13
N LYS A 319 5.45 -3.84 -35.90
CA LYS A 319 4.02 -3.62 -35.61
C LYS A 319 3.60 -2.52 -36.55
N GLN A 320 4.52 -1.58 -36.77
CA GLN A 320 4.28 -0.46 -37.66
C GLN A 320 4.52 -0.91 -39.09
N LYS A 321 4.65 0.05 -40.00
CA LYS A 321 4.87 -0.26 -41.41
C LYS A 321 6.35 -0.54 -41.67
N LYS A 322 6.89 -1.59 -41.02
CA LYS A 322 8.30 -1.92 -41.20
C LYS A 322 8.62 -2.46 -42.59
N HIS A 323 9.32 -1.63 -43.38
CA HIS A 323 9.73 -1.96 -44.73
C HIS A 323 11.25 -2.07 -44.71
N LEU A 324 11.79 -2.32 -43.52
CA LEU A 324 13.24 -2.43 -43.34
C LEU A 324 13.81 -3.72 -43.92
N ASN A 325 14.66 -3.56 -44.92
CA ASN A 325 15.28 -4.69 -45.57
C ASN A 325 16.62 -5.02 -44.91
N THR A 326 17.26 -6.08 -45.41
CA THR A 326 18.55 -6.53 -44.89
C THR A 326 19.49 -5.34 -44.63
N GLN A 327 19.71 -4.52 -45.65
CA GLN A 327 20.59 -3.37 -45.50
C GLN A 327 20.17 -2.42 -44.38
N GLN A 328 19.00 -1.84 -44.51
CA GLN A 328 18.49 -0.91 -43.50
C GLN A 328 18.51 -1.51 -42.09
N LEU A 329 18.03 -2.75 -41.98
CA LEU A 329 17.99 -3.42 -40.69
C LEU A 329 19.40 -3.63 -40.12
N THR A 330 20.36 -3.81 -41.02
CA THR A 330 21.74 -3.99 -40.59
C THR A 330 22.20 -2.68 -39.98
N ALA A 331 22.04 -1.60 -40.73
CA ALA A 331 22.45 -0.26 -40.27
C ALA A 331 21.88 0.04 -38.89
N PHE A 332 20.63 -0.35 -38.65
CA PHE A 332 20.05 -0.10 -37.36
C PHE A 332 20.85 -0.83 -36.26
N GLN A 333 21.13 -2.11 -36.48
CA GLN A 333 21.90 -2.92 -35.51
C GLN A 333 23.30 -2.36 -35.27
N LEU A 334 23.92 -1.84 -36.33
CA LEU A 334 25.24 -1.26 -36.21
C LEU A 334 25.18 0.10 -35.49
N LEU A 335 24.15 0.89 -35.77
CA LEU A 335 24.02 2.20 -35.12
C LEU A 335 23.62 2.00 -33.68
N PHE A 336 22.77 0.99 -33.44
CA PHE A 336 22.33 0.73 -32.09
C PHE A 336 23.54 0.30 -31.28
N ALA A 337 24.42 -0.49 -31.90
CA ALA A 337 25.60 -0.97 -31.22
C ALA A 337 26.56 0.18 -30.99
N TRP A 338 26.75 1.00 -32.01
CA TRP A 338 27.65 2.14 -31.88
C TRP A 338 27.17 3.16 -30.84
N ARG A 339 25.86 3.40 -30.77
CA ARG A 339 25.35 4.37 -29.80
C ARG A 339 25.53 3.87 -28.36
N ASP A 340 25.19 2.61 -28.13
CA ASP A 340 25.33 2.00 -26.80
C ASP A 340 26.79 2.01 -26.38
N LYS A 341 27.68 1.80 -27.33
CA LYS A 341 29.10 1.79 -27.05
C LYS A 341 29.51 3.19 -26.59
N THR A 342 29.26 4.17 -27.47
CA THR A 342 29.59 5.56 -27.22
C THR A 342 28.99 6.08 -25.93
N ALA A 343 27.70 5.86 -25.74
CA ALA A 343 27.03 6.31 -24.53
C ALA A 343 27.72 5.80 -23.27
N ARG A 344 27.90 4.49 -23.16
CA ARG A 344 28.52 3.90 -21.98
C ARG A 344 29.93 4.46 -21.74
N ARG A 345 30.72 4.58 -22.80
CA ARG A 345 32.07 5.13 -22.67
C ARG A 345 31.99 6.59 -22.21
N GLU A 346 31.49 7.46 -23.09
CA GLU A 346 31.35 8.88 -22.82
C GLU A 346 30.46 9.24 -21.62
N ASP A 347 29.79 8.25 -21.05
CA ASP A 347 28.88 8.46 -19.92
C ASP A 347 27.81 9.53 -20.23
N GLU A 348 27.06 9.29 -21.30
CA GLU A 348 26.00 10.17 -21.75
C GLU A 348 24.78 9.28 -21.92
N SER A 349 23.61 9.87 -22.12
CA SER A 349 22.42 9.05 -22.29
C SER A 349 22.29 8.77 -23.79
N TYR A 350 21.38 7.87 -24.14
CA TYR A 350 21.16 7.52 -25.54
C TYR A 350 20.64 8.74 -26.29
N GLY A 351 19.69 9.43 -25.66
CA GLY A 351 19.10 10.61 -26.25
C GLY A 351 20.13 11.65 -26.66
N TYR A 352 21.13 11.85 -25.81
CA TYR A 352 22.16 12.83 -26.09
C TYR A 352 23.04 12.39 -27.26
N VAL A 353 23.47 11.13 -27.21
CA VAL A 353 24.33 10.56 -28.24
C VAL A 353 23.66 10.52 -29.60
N LEU A 354 22.48 9.90 -29.66
CA LEU A 354 21.73 9.81 -30.90
C LEU A 354 20.36 9.21 -30.58
N PRO A 355 19.31 10.04 -30.59
CA PRO A 355 17.93 9.61 -30.28
C PRO A 355 17.31 8.61 -31.27
N ASN A 356 16.35 7.83 -30.80
CA ASN A 356 15.69 6.82 -31.62
C ASN A 356 15.28 7.29 -33.00
N HIS A 357 14.38 8.25 -33.06
CA HIS A 357 13.89 8.75 -34.34
C HIS A 357 15.02 9.09 -35.29
N MET A 358 16.14 9.58 -34.76
CA MET A 358 17.28 9.95 -35.60
C MET A 358 18.08 8.73 -36.09
N MET A 359 18.28 7.76 -35.21
CA MET A 359 18.99 6.54 -35.56
C MET A 359 18.15 5.92 -36.67
N LEU A 360 16.92 5.58 -36.33
CA LEU A 360 15.97 5.00 -37.27
C LEU A 360 15.93 5.69 -38.62
N LYS A 361 16.02 7.02 -38.62
CA LYS A 361 15.99 7.77 -39.87
C LYS A 361 17.17 7.36 -40.73
N ILE A 362 18.37 7.40 -40.17
CA ILE A 362 19.58 7.04 -40.89
C ILE A 362 19.50 5.59 -41.39
N ALA A 363 19.00 4.70 -40.53
CA ALA A 363 18.85 3.30 -40.89
C ALA A 363 18.05 3.20 -42.20
N GLU A 364 16.96 3.95 -42.29
CA GLU A 364 16.11 3.93 -43.50
C GLU A 364 16.82 4.58 -44.68
N GLU A 365 17.14 5.87 -44.54
CA GLU A 365 17.79 6.67 -45.58
C GLU A 365 19.09 6.08 -46.13
N LEU A 366 19.88 5.43 -45.27
CA LEU A 366 21.14 4.83 -45.68
C LEU A 366 21.97 5.79 -46.54
N PRO A 367 22.30 6.96 -45.98
CA PRO A 367 23.09 7.97 -46.69
C PRO A 367 24.42 7.43 -47.18
N LYS A 368 24.72 7.66 -48.45
CA LYS A 368 25.96 7.21 -49.06
C LYS A 368 27.19 7.98 -48.62
N GLU A 369 27.01 9.25 -48.31
CA GLU A 369 28.11 10.11 -47.89
C GLU A 369 28.04 10.41 -46.40
N PRO A 370 29.17 10.82 -45.81
CA PRO A 370 29.16 11.14 -44.37
C PRO A 370 28.21 12.31 -44.09
N GLN A 371 28.25 13.33 -44.94
CA GLN A 371 27.37 14.49 -44.79
C GLN A 371 25.91 14.04 -44.86
N GLY A 372 25.65 13.00 -45.64
CA GLY A 372 24.30 12.49 -45.77
C GLY A 372 23.77 12.05 -44.42
N ILE A 373 24.68 11.67 -43.53
CA ILE A 373 24.29 11.24 -42.19
C ILE A 373 23.91 12.50 -41.40
N ILE A 374 24.88 13.40 -41.25
CA ILE A 374 24.68 14.67 -40.54
C ILE A 374 23.41 15.36 -40.98
N ALA A 375 23.25 15.47 -42.30
CA ALA A 375 22.07 16.08 -42.87
C ALA A 375 20.95 15.04 -42.81
N CYS A 376 20.58 14.65 -41.60
CA CYS A 376 19.54 13.66 -41.41
C CYS A 376 19.13 13.73 -39.94
N CYS A 377 19.81 14.62 -39.21
CA CYS A 377 19.59 14.85 -37.78
C CYS A 377 19.24 16.31 -37.48
N ASN A 378 18.16 16.54 -36.73
CA ASN A 378 17.76 17.89 -36.37
C ASN A 378 17.56 18.02 -34.87
N PRO A 379 18.54 18.61 -34.17
CA PRO A 379 19.80 19.13 -34.71
C PRO A 379 20.88 18.05 -34.69
N VAL A 380 22.03 18.33 -35.29
CA VAL A 380 23.11 17.36 -35.33
C VAL A 380 23.81 17.24 -33.97
N PRO A 381 23.68 16.08 -33.31
CA PRO A 381 24.30 15.85 -32.00
C PRO A 381 25.82 15.86 -32.09
N PRO A 382 26.47 16.55 -31.14
CA PRO A 382 27.93 16.69 -31.07
C PRO A 382 28.74 15.41 -31.30
N LEU A 383 28.33 14.31 -30.69
CA LEU A 383 29.04 13.05 -30.85
C LEU A 383 28.90 12.54 -32.29
N VAL A 384 27.72 12.71 -32.88
CA VAL A 384 27.56 12.28 -34.26
C VAL A 384 28.58 13.06 -35.09
N ARG A 385 28.65 14.36 -34.86
CA ARG A 385 29.60 15.20 -35.58
C ARG A 385 31.00 14.64 -35.43
N GLN A 386 31.38 14.39 -34.18
CA GLN A 386 32.70 13.88 -33.82
C GLN A 386 33.01 12.45 -34.27
N GLN A 387 31.98 11.63 -34.45
CA GLN A 387 32.20 10.24 -34.87
C GLN A 387 31.65 9.99 -36.26
N ILE A 388 31.41 11.08 -36.99
CA ILE A 388 30.86 11.00 -38.34
C ILE A 388 31.59 9.96 -39.20
N ASN A 389 32.91 9.96 -39.14
CA ASN A 389 33.71 9.03 -39.92
C ASN A 389 33.30 7.61 -39.54
N GLU A 390 33.38 7.34 -38.23
CA GLU A 390 33.03 6.05 -37.66
C GLU A 390 31.64 5.58 -38.10
N MET A 391 30.66 6.47 -38.01
CA MET A 391 29.30 6.13 -38.41
C MET A 391 29.23 5.92 -39.93
N HIS A 392 29.96 6.73 -40.68
CA HIS A 392 29.96 6.59 -42.12
C HIS A 392 30.32 5.15 -42.52
N LEU A 393 31.42 4.66 -41.95
CA LEU A 393 31.90 3.30 -42.21
C LEU A 393 30.83 2.25 -41.92
N LEU A 394 30.11 2.41 -40.82
CA LEU A 394 29.06 1.46 -40.46
C LEU A 394 27.98 1.40 -41.53
N ILE A 395 27.49 2.57 -41.91
CA ILE A 395 26.45 2.67 -42.94
C ILE A 395 26.95 2.09 -44.25
N GLN A 396 28.20 2.36 -44.62
CA GLN A 396 28.75 1.79 -45.85
C GLN A 396 28.67 0.27 -45.77
N GLN A 397 29.09 -0.29 -44.64
CA GLN A 397 29.04 -1.73 -44.46
C GLN A 397 27.65 -2.23 -44.76
N ALA A 398 26.66 -1.57 -44.17
CA ALA A 398 25.26 -1.95 -44.37
C ALA A 398 24.87 -1.90 -45.84
N ARG A 399 25.43 -0.96 -46.58
CA ARG A 399 25.08 -0.83 -47.98
C ARG A 399 25.68 -1.92 -48.84
N GLU A 400 26.65 -2.66 -48.30
CA GLU A 400 27.26 -3.73 -49.07
C GLU A 400 26.56 -5.05 -48.83
N MET A 401 25.61 -5.06 -47.90
CA MET A 401 24.90 -6.28 -47.60
C MET A 401 24.12 -6.75 -48.82
N PRO A 402 23.87 -8.06 -48.91
CA PRO A 402 23.13 -8.60 -50.04
C PRO A 402 21.60 -8.52 -49.84
N LEU A 403 20.93 -7.82 -50.75
CA LEU A 403 19.48 -7.65 -50.72
C LEU A 403 18.73 -8.92 -51.11
N LEU A 404 17.74 -9.30 -50.30
CA LEU A 404 16.94 -10.50 -50.55
C LEU A 404 16.20 -10.40 -51.88
N LYS A 405 15.65 -11.54 -52.32
CA LYS A 405 14.91 -11.64 -53.57
C LYS A 405 13.78 -10.61 -53.63
N SER A 406 12.92 -10.65 -52.62
CA SER A 406 11.77 -9.75 -52.52
C SER A 406 12.16 -8.31 -52.20
N GLU A 407 13.40 -8.12 -51.77
CA GLU A 407 13.89 -6.78 -51.42
C GLU A 407 14.48 -6.05 -52.64
N VAL A 408 14.68 -6.78 -53.74
CA VAL A 408 15.23 -6.17 -54.94
C VAL A 408 14.38 -4.97 -55.32
N ALA A 409 15.03 -3.86 -55.68
CA ALA A 409 14.36 -2.62 -56.06
C ALA A 409 13.42 -2.76 -57.26
N SER B 1 -19.29 9.41 -6.29
CA SER B 1 -19.13 7.99 -5.87
C SER B 1 -20.04 7.09 -6.71
N ILE B 2 -19.88 5.77 -6.56
CA ILE B 2 -20.71 4.82 -7.30
C ILE B 2 -22.05 4.60 -6.59
N ILE B 3 -23.04 4.07 -7.33
CA ILE B 3 -24.36 3.82 -6.76
C ILE B 3 -24.20 2.78 -5.65
N ARG B 4 -24.94 2.98 -4.56
CA ARG B 4 -24.86 2.06 -3.42
C ARG B 4 -25.57 0.74 -3.68
N PRO B 5 -24.88 -0.39 -3.44
CA PRO B 5 -25.44 -1.72 -3.66
C PRO B 5 -26.66 -2.00 -2.78
N GLN B 6 -26.61 -1.51 -1.55
CA GLN B 6 -27.67 -1.68 -0.58
C GLN B 6 -29.04 -1.25 -1.12
N LEU B 7 -29.04 -0.28 -2.04
CA LEU B 7 -30.27 0.24 -2.63
C LEU B 7 -31.08 -0.81 -3.37
N LYS B 8 -30.41 -1.82 -3.93
CA LYS B 8 -31.11 -2.86 -4.69
C LYS B 8 -31.39 -4.11 -3.85
N PHE B 9 -31.05 -4.08 -2.56
CA PHE B 9 -31.27 -5.24 -1.70
C PHE B 9 -32.73 -5.64 -1.54
N ARG B 10 -32.99 -6.94 -1.71
CA ARG B 10 -34.34 -7.50 -1.59
C ARG B 10 -34.85 -7.28 -0.17
N GLU B 11 -33.96 -7.42 0.80
CA GLU B 11 -34.28 -7.23 2.21
C GLU B 11 -33.56 -5.95 2.71
N LYS B 12 -34.32 -4.89 2.98
CA LYS B 12 -33.70 -3.66 3.45
C LYS B 12 -33.03 -3.94 4.78
N ILE B 13 -31.77 -3.54 4.90
CA ILE B 13 -30.99 -3.76 6.11
C ILE B 13 -31.67 -3.11 7.31
N ASP B 14 -31.53 -3.75 8.46
CA ASP B 14 -32.13 -3.25 9.70
C ASP B 14 -31.10 -2.63 10.64
N ASN B 15 -31.02 -1.30 10.64
CA ASN B 15 -30.08 -0.58 11.49
C ASN B 15 -30.76 -0.01 12.72
N SER B 16 -31.88 -0.60 13.11
CA SER B 16 -32.63 -0.15 14.27
C SER B 16 -31.95 -0.56 15.58
N ASN B 17 -32.36 0.06 16.68
CA ASN B 17 -31.80 -0.25 17.98
C ASN B 17 -32.42 -1.50 18.61
N THR B 18 -33.13 -2.28 17.80
CA THR B 18 -33.73 -3.51 18.30
C THR B 18 -32.62 -4.56 18.20
N PRO B 19 -32.55 -5.48 19.18
CA PRO B 19 -31.52 -6.53 19.15
C PRO B 19 -31.52 -7.29 17.83
N PHE B 20 -30.37 -7.86 17.51
CA PHE B 20 -30.20 -8.63 16.27
C PHE B 20 -30.83 -10.01 16.38
N LEU B 21 -31.71 -10.31 15.42
CA LEU B 21 -32.39 -11.57 15.35
C LEU B 21 -31.77 -12.39 14.20
N PRO B 22 -31.17 -13.55 14.50
CA PRO B 22 -30.55 -14.41 13.48
C PRO B 22 -31.41 -14.57 12.23
N LYS B 23 -30.75 -14.50 11.07
CA LYS B 23 -31.44 -14.58 9.79
C LYS B 23 -31.73 -15.98 9.26
N ILE B 24 -31.04 -16.99 9.80
CA ILE B 24 -31.24 -18.36 9.34
C ILE B 24 -32.70 -18.78 9.53
N PHE B 25 -33.28 -19.43 8.53
CA PHE B 25 -34.67 -19.88 8.58
C PHE B 25 -34.79 -21.37 8.26
N ILE B 26 -33.65 -21.96 7.92
CA ILE B 26 -33.54 -23.37 7.57
C ILE B 26 -32.17 -23.82 8.13
N LYS B 27 -32.14 -24.96 8.81
CA LYS B 27 -30.91 -25.42 9.42
C LYS B 27 -30.35 -26.78 9.00
N PRO B 28 -29.54 -26.81 7.93
CA PRO B 28 -28.98 -28.10 7.50
C PRO B 28 -28.03 -28.60 8.60
N ASN B 29 -27.56 -29.85 8.48
CA ASN B 29 -26.64 -30.43 9.48
C ASN B 29 -27.04 -30.12 10.91
N ALA B 30 -28.31 -30.34 11.25
CA ALA B 30 -28.77 -30.03 12.60
C ALA B 30 -28.92 -31.27 13.43
N GLN B 31 -28.54 -31.14 14.69
CA GLN B 31 -28.67 -32.23 15.66
C GLN B 31 -29.77 -31.73 16.57
N LYS B 32 -29.81 -30.41 16.75
CA LYS B 32 -30.83 -29.75 17.54
C LYS B 32 -31.61 -28.90 16.55
N PRO B 33 -32.94 -29.07 16.52
CA PRO B 33 -33.82 -28.32 15.62
C PRO B 33 -33.72 -26.81 15.72
N LEU B 34 -34.15 -26.14 14.65
CA LEU B 34 -34.15 -24.69 14.61
C LEU B 34 -35.44 -24.21 15.26
N PRO B 35 -35.35 -23.27 16.20
CA PRO B 35 -36.59 -22.78 16.83
C PRO B 35 -37.66 -22.30 15.84
N GLN B 36 -38.91 -22.68 16.11
CA GLN B 36 -40.05 -22.32 15.26
C GLN B 36 -40.13 -20.85 14.93
N ALA B 37 -39.80 -19.99 15.88
CA ALA B 37 -39.85 -18.55 15.64
C ALA B 37 -39.06 -18.15 14.38
N LEU B 38 -37.90 -18.78 14.19
CA LEU B 38 -37.05 -18.50 13.05
C LEU B 38 -37.53 -19.20 11.79
N SER B 39 -38.58 -20.01 11.93
CA SER B 39 -39.15 -20.74 10.81
C SER B 39 -39.37 -19.85 9.60
N LYS B 40 -39.34 -20.47 8.42
CA LYS B 40 -39.54 -19.76 7.18
C LYS B 40 -40.94 -19.15 7.19
N GLU B 41 -41.86 -19.78 7.92
CA GLU B 41 -43.25 -19.32 8.02
C GLU B 41 -43.50 -18.42 9.20
N ARG B 42 -42.92 -18.75 10.35
CA ARG B 42 -43.11 -17.94 11.55
C ARG B 42 -42.69 -16.49 11.32
N ARG B 43 -41.95 -16.26 10.23
CA ARG B 43 -41.51 -14.91 9.90
C ARG B 43 -42.05 -14.46 8.54
N GLU B 44 -41.92 -15.33 7.54
CA GLU B 44 -42.40 -15.03 6.19
C GLU B 44 -43.71 -15.77 5.89
N GLN B 73 -36.72 -23.13 23.74
CA GLN B 73 -36.00 -22.53 22.62
C GLN B 73 -35.75 -21.04 22.89
N ASP B 74 -34.77 -20.48 22.20
CA ASP B 74 -34.41 -19.07 22.33
C ASP B 74 -33.95 -18.57 20.98
N MET B 75 -34.89 -17.99 20.23
CA MET B 75 -34.60 -17.47 18.90
C MET B 75 -33.40 -16.52 18.83
N PHE B 76 -32.95 -16.01 19.98
CA PHE B 76 -31.81 -15.10 20.01
C PHE B 76 -30.49 -15.77 20.42
N ALA B 77 -30.40 -17.07 20.17
CA ALA B 77 -29.21 -17.83 20.52
C ALA B 77 -28.55 -18.42 19.28
N HIS B 78 -27.23 -18.59 19.35
CA HIS B 78 -26.44 -19.14 18.26
C HIS B 78 -27.13 -20.39 17.69
N PRO B 79 -27.65 -20.30 16.47
CA PRO B 79 -28.33 -21.42 15.83
C PRO B 79 -27.56 -22.73 15.87
N TYR B 80 -26.23 -22.68 15.84
CA TYR B 80 -25.46 -23.92 15.85
C TYR B 80 -24.70 -24.13 17.12
N GLN B 81 -25.23 -23.55 18.19
CA GLN B 81 -24.64 -23.67 19.50
C GLN B 81 -24.44 -25.14 19.84
N TYR B 82 -25.53 -25.88 19.82
CA TYR B 82 -25.50 -27.29 20.17
C TYR B 82 -24.48 -28.06 19.36
N GLU B 83 -24.60 -28.05 18.04
CA GLU B 83 -23.67 -28.80 17.22
C GLU B 83 -22.20 -28.40 17.37
N LEU B 84 -21.93 -27.12 17.59
CA LEU B 84 -20.54 -26.71 17.75
C LEU B 84 -19.95 -27.25 19.04
N ASN B 85 -20.75 -27.28 20.11
CA ASN B 85 -20.32 -27.77 21.41
C ASN B 85 -19.98 -29.25 21.35
N HIS B 86 -20.82 -30.00 20.63
CA HIS B 86 -20.63 -31.43 20.51
C HIS B 86 -19.77 -31.81 19.31
N PHE B 87 -18.90 -30.90 18.90
CA PHE B 87 -18.00 -31.17 17.78
C PHE B 87 -16.55 -31.27 18.19
N THR B 88 -15.85 -32.21 17.56
CA THR B 88 -14.44 -32.41 17.78
C THR B 88 -13.94 -32.93 16.44
N PRO B 89 -12.69 -32.62 16.09
CA PRO B 89 -12.11 -33.06 14.81
C PRO B 89 -12.01 -34.59 14.64
N ALA B 90 -12.16 -35.05 13.40
CA ALA B 90 -12.06 -36.48 13.09
C ALA B 90 -10.62 -36.93 13.15
N ASP B 91 -10.40 -38.24 13.23
CA ASP B 91 -9.03 -38.75 13.31
C ASP B 91 -8.22 -38.54 12.06
N ALA B 92 -8.87 -38.63 10.90
CA ALA B 92 -8.17 -38.45 9.64
C ALA B 92 -7.42 -37.11 9.58
N VAL B 93 -8.05 -36.06 10.09
CA VAL B 93 -7.40 -34.75 10.06
C VAL B 93 -6.34 -34.63 11.15
N LEU B 94 -6.47 -35.46 12.19
CA LEU B 94 -5.51 -35.45 13.29
C LEU B 94 -4.30 -36.36 13.06
N GLN B 95 -4.20 -36.92 11.87
CA GLN B 95 -3.09 -37.80 11.53
C GLN B 95 -2.06 -37.07 10.67
N LYS B 96 -0.79 -37.43 10.86
CA LYS B 96 0.29 -36.82 10.10
C LYS B 96 -0.19 -36.75 8.65
N PRO B 97 -0.32 -35.53 8.11
CA PRO B 97 -0.77 -35.31 6.74
C PRO B 97 0.26 -35.49 5.65
N GLN B 98 -0.22 -35.74 4.45
CA GLN B 98 0.66 -35.86 3.29
C GLN B 98 0.33 -34.60 2.49
N PRO B 99 0.97 -33.48 2.83
CA PRO B 99 0.75 -32.20 2.17
C PRO B 99 0.48 -32.24 0.68
N GLN B 100 -0.68 -31.72 0.30
CA GLN B 100 -1.02 -31.66 -1.10
C GLN B 100 -0.73 -30.22 -1.49
N LEU B 101 0.35 -30.04 -2.22
CA LEU B 101 0.79 -28.73 -2.68
C LEU B 101 -0.31 -27.93 -3.37
N TYR B 102 -0.24 -26.61 -3.28
CA TYR B 102 -1.23 -25.78 -3.94
C TYR B 102 -0.99 -25.92 -5.44
N ARG B 103 -2.04 -25.67 -6.21
CA ARG B 103 -1.96 -25.75 -7.66
C ARG B 103 -1.28 -24.50 -8.21
N PRO B 104 -0.53 -24.62 -9.32
CA PRO B 104 0.10 -23.40 -9.82
C PRO B 104 -1.03 -22.49 -10.25
N ILE B 105 -1.07 -21.30 -9.67
CA ILE B 105 -2.13 -20.34 -9.95
C ILE B 105 -2.37 -20.09 -11.45
N GLU B 106 -1.36 -20.32 -12.29
CA GLU B 106 -1.50 -20.12 -13.74
C GLU B 106 -2.29 -21.28 -14.34
N GLU B 107 -2.36 -22.36 -13.60
CA GLU B 107 -3.08 -23.54 -14.05
C GLU B 107 -4.42 -23.69 -13.40
N THR B 108 -4.62 -22.94 -12.31
CA THR B 108 -5.86 -22.99 -11.56
C THR B 108 -7.00 -22.20 -12.18
N PRO B 109 -8.12 -22.90 -12.50
CA PRO B 109 -9.27 -22.23 -13.11
C PRO B 109 -9.92 -21.30 -12.09
N CYS B 110 -10.32 -20.12 -12.55
CA CYS B 110 -10.93 -19.16 -11.66
C CYS B 110 -12.39 -19.03 -12.05
N HIS B 111 -13.25 -18.89 -11.05
CA HIS B 111 -14.66 -18.77 -11.31
C HIS B 111 -15.31 -17.62 -10.57
N PHE B 112 -16.13 -16.89 -11.29
CA PHE B 112 -16.87 -15.78 -10.72
C PHE B 112 -18.33 -16.25 -10.64
N ILE B 113 -18.90 -16.22 -9.44
CA ILE B 113 -20.29 -16.65 -9.26
C ILE B 113 -21.16 -15.49 -8.81
N SER B 114 -22.33 -15.33 -9.42
CA SER B 114 -23.22 -14.22 -9.08
C SER B 114 -24.70 -14.53 -9.25
N SER B 115 -25.02 -15.80 -9.49
CA SER B 115 -26.40 -16.22 -9.66
C SER B 115 -26.63 -17.42 -8.76
N LEU B 116 -27.85 -17.58 -8.25
CA LEU B 116 -28.21 -18.68 -7.38
C LEU B 116 -27.87 -20.05 -7.98
N ASP B 117 -28.19 -20.26 -9.24
CA ASP B 117 -27.91 -21.55 -9.85
C ASP B 117 -26.41 -21.89 -9.76
N GLU B 118 -25.57 -20.93 -10.08
CA GLU B 118 -24.13 -21.14 -10.04
C GLU B 118 -23.63 -21.37 -8.62
N LEU B 119 -24.26 -20.69 -7.66
CA LEU B 119 -23.88 -20.86 -6.26
C LEU B 119 -24.28 -22.26 -5.81
N VAL B 120 -25.36 -22.79 -6.39
CA VAL B 120 -25.84 -24.11 -6.02
C VAL B 120 -24.94 -25.20 -6.59
N GLU B 121 -24.44 -24.96 -7.79
CA GLU B 121 -23.54 -25.88 -8.48
C GLU B 121 -22.28 -25.99 -7.64
N LEU B 122 -21.85 -24.85 -7.12
CA LEU B 122 -20.65 -24.77 -6.31
C LEU B 122 -20.81 -25.47 -4.97
N ASN B 123 -21.87 -25.14 -4.24
CA ASN B 123 -22.10 -25.75 -2.94
C ASN B 123 -22.12 -27.26 -3.12
N GLU B 124 -22.64 -27.69 -4.26
CA GLU B 124 -22.72 -29.11 -4.56
C GLU B 124 -21.31 -29.68 -4.58
N LYS B 125 -20.45 -29.03 -5.33
CA LYS B 125 -19.05 -29.45 -5.42
C LYS B 125 -18.35 -29.39 -4.05
N LEU B 126 -18.72 -28.41 -3.23
CA LEU B 126 -18.10 -28.27 -1.91
C LEU B 126 -18.51 -29.40 -0.98
N LEU B 127 -19.74 -29.88 -1.14
CA LEU B 127 -20.21 -30.98 -0.30
C LEU B 127 -19.43 -32.26 -0.57
N ASN B 128 -18.69 -32.29 -1.67
CA ASN B 128 -17.86 -33.46 -2.01
C ASN B 128 -16.38 -33.29 -1.65
N CYS B 129 -16.02 -32.15 -1.04
CA CYS B 129 -14.63 -31.92 -0.68
C CYS B 129 -14.33 -32.43 0.71
N GLN B 130 -13.06 -32.65 0.98
CA GLN B 130 -12.62 -33.09 2.29
C GLN B 130 -12.37 -31.82 3.10
N GLU B 131 -12.11 -30.75 2.37
CA GLU B 131 -11.86 -29.44 2.97
C GLU B 131 -11.76 -28.36 1.89
N PHE B 132 -12.01 -27.12 2.28
CA PHE B 132 -11.90 -25.98 1.37
C PHE B 132 -11.58 -24.73 2.18
N ALA B 133 -11.12 -23.68 1.51
CA ALA B 133 -10.77 -22.44 2.19
C ALA B 133 -11.77 -21.34 1.94
N VAL B 134 -11.89 -20.46 2.94
CA VAL B 134 -12.82 -19.35 2.91
C VAL B 134 -12.21 -18.03 3.38
N ASP B 135 -12.69 -16.94 2.79
CA ASP B 135 -12.28 -15.58 3.17
C ASP B 135 -13.28 -14.59 2.62
N LEU B 136 -13.36 -13.44 3.27
CA LEU B 136 -14.30 -12.40 2.86
C LEU B 136 -13.64 -11.07 2.55
N GLU B 137 -14.36 -10.24 1.79
CA GLU B 137 -13.94 -8.90 1.48
C GLU B 137 -15.04 -8.05 2.10
N HIS B 138 -14.65 -7.10 2.94
CA HIS B 138 -15.59 -6.25 3.67
C HIS B 138 -15.51 -4.79 3.23
N HIS B 139 -16.51 -4.01 3.61
CA HIS B 139 -16.55 -2.58 3.31
C HIS B 139 -17.41 -1.84 4.32
N SER B 140 -16.84 -0.89 5.06
CA SER B 140 -17.66 -0.22 6.07
C SER B 140 -17.85 1.30 6.00
N TYR B 141 -17.27 1.97 5.01
CA TYR B 141 -17.41 3.42 4.94
C TYR B 141 -18.82 3.90 4.61
N ARG B 142 -19.42 3.29 3.58
CA ARG B 142 -20.77 3.66 3.18
C ARG B 142 -21.83 2.68 3.66
N SER B 143 -21.70 2.27 4.93
CA SER B 143 -22.61 1.34 5.58
C SER B 143 -22.50 1.54 7.08
N PHE B 144 -23.64 1.61 7.77
CA PHE B 144 -23.61 1.79 9.22
C PHE B 144 -22.90 0.63 9.93
N LEU B 145 -23.40 -0.60 9.72
CA LEU B 145 -22.83 -1.80 10.34
C LEU B 145 -21.66 -2.42 9.57
N GLY B 146 -21.67 -2.25 8.26
CA GLY B 146 -20.63 -2.85 7.44
C GLY B 146 -21.33 -3.68 6.39
N LEU B 147 -20.58 -4.17 5.42
CA LEU B 147 -21.18 -4.93 4.34
C LEU B 147 -20.20 -5.92 3.71
N THR B 148 -20.59 -7.18 3.59
CA THR B 148 -19.72 -8.18 2.98
C THR B 148 -19.94 -8.08 1.47
N CYS B 149 -18.89 -7.72 0.75
CA CYS B 149 -18.96 -7.53 -0.69
C CYS B 149 -18.46 -8.68 -1.53
N LEU B 150 -17.75 -9.60 -0.90
CA LEU B 150 -17.20 -10.69 -1.67
C LEU B 150 -16.83 -11.84 -0.78
N MET B 151 -16.91 -13.05 -1.31
CA MET B 151 -16.53 -14.23 -0.55
C MET B 151 -15.58 -15.03 -1.42
N GLN B 152 -14.50 -15.53 -0.82
CA GLN B 152 -13.53 -16.31 -1.56
C GLN B 152 -13.48 -17.75 -1.07
N ILE B 153 -13.53 -18.69 -2.01
CA ILE B 153 -13.47 -20.10 -1.68
C ILE B 153 -12.49 -20.79 -2.60
N SER B 154 -11.63 -21.64 -2.03
CA SER B 154 -10.66 -22.39 -2.81
C SER B 154 -10.74 -23.88 -2.46
N THR B 155 -10.81 -24.74 -3.48
CA THR B 155 -10.80 -26.19 -3.27
C THR B 155 -9.38 -26.58 -3.64
N ARG B 156 -9.06 -27.86 -3.52
CA ARG B 156 -7.71 -28.27 -3.85
C ARG B 156 -7.41 -28.04 -5.31
N THR B 157 -8.44 -27.83 -6.11
CA THR B 157 -8.23 -27.66 -7.56
C THR B 157 -8.75 -26.40 -8.21
N GLU B 158 -9.61 -25.64 -7.54
CA GLU B 158 -10.13 -24.43 -8.17
C GLU B 158 -10.36 -23.30 -7.19
N ASP B 159 -10.45 -22.09 -7.75
CA ASP B 159 -10.71 -20.88 -6.94
C ASP B 159 -12.04 -20.25 -7.38
N PHE B 160 -12.80 -19.78 -6.39
CA PHE B 160 -14.10 -19.15 -6.64
C PHE B 160 -14.25 -17.76 -6.02
N ILE B 161 -14.78 -16.83 -6.81
CA ILE B 161 -15.03 -15.46 -6.36
C ILE B 161 -16.55 -15.29 -6.43
N ILE B 162 -17.16 -15.00 -5.27
CA ILE B 162 -18.61 -14.88 -5.17
C ILE B 162 -19.11 -13.49 -4.81
N ASP B 163 -19.89 -12.91 -5.70
CA ASP B 163 -20.42 -11.58 -5.48
C ASP B 163 -21.55 -11.63 -4.47
N THR B 164 -21.21 -11.40 -3.21
CA THR B 164 -22.21 -11.45 -2.15
C THR B 164 -23.14 -10.25 -2.10
N LEU B 165 -22.95 -9.29 -3.00
CA LEU B 165 -23.85 -8.16 -3.01
C LEU B 165 -25.01 -8.58 -3.89
N GLU B 166 -24.70 -9.32 -4.94
CA GLU B 166 -25.67 -9.82 -5.89
C GLU B 166 -26.46 -11.02 -5.35
N LEU B 167 -25.79 -11.83 -4.53
CA LEU B 167 -26.35 -13.05 -3.94
C LEU B 167 -26.65 -12.97 -2.46
N ARG B 168 -26.73 -11.76 -1.91
CA ARG B 168 -26.99 -11.58 -0.48
C ARG B 168 -28.15 -12.42 0.05
N SER B 169 -29.27 -12.45 -0.68
CA SER B 169 -30.42 -13.22 -0.21
C SER B 169 -30.30 -14.74 -0.39
N ASP B 170 -29.46 -15.19 -1.33
CA ASP B 170 -29.29 -16.62 -1.58
C ASP B 170 -28.11 -17.26 -0.87
N MET B 171 -27.18 -16.44 -0.39
CA MET B 171 -25.99 -16.95 0.27
C MET B 171 -26.24 -18.03 1.32
N TYR B 172 -27.38 -17.94 2.00
CA TYR B 172 -27.75 -18.88 3.08
C TYR B 172 -27.59 -20.35 2.69
N ILE B 173 -27.71 -20.66 1.39
CA ILE B 173 -27.58 -22.06 0.97
C ILE B 173 -26.24 -22.63 1.37
N LEU B 174 -25.21 -21.80 1.38
CA LEU B 174 -23.88 -22.29 1.73
C LEU B 174 -23.79 -22.90 3.12
N ASN B 175 -24.90 -22.87 3.87
CA ASN B 175 -24.91 -23.47 5.20
C ASN B 175 -24.79 -24.98 5.06
N GLU B 176 -25.24 -25.50 3.93
CA GLU B 176 -25.18 -26.94 3.70
C GLU B 176 -23.79 -27.51 3.88
N SER B 177 -22.79 -26.74 3.42
CA SER B 177 -21.40 -27.18 3.54
C SER B 177 -20.68 -26.51 4.69
N LEU B 178 -20.93 -25.23 4.90
CA LEU B 178 -20.28 -24.52 5.98
C LEU B 178 -20.54 -25.11 7.36
N THR B 179 -21.70 -25.75 7.53
CA THR B 179 -22.01 -26.33 8.83
C THR B 179 -21.97 -27.84 8.78
N ASP B 180 -21.41 -28.39 7.71
CA ASP B 180 -21.30 -29.83 7.56
C ASP B 180 -20.03 -30.29 8.29
N PRO B 181 -20.18 -30.83 9.51
CA PRO B 181 -19.06 -31.30 10.36
C PRO B 181 -18.04 -32.18 9.66
N ALA B 182 -18.42 -32.83 8.58
CA ALA B 182 -17.51 -33.70 7.87
C ALA B 182 -16.44 -32.95 7.09
N ILE B 183 -16.79 -31.76 6.65
CA ILE B 183 -15.84 -30.98 5.87
C ILE B 183 -15.13 -29.93 6.70
N VAL B 184 -13.81 -29.88 6.56
CA VAL B 184 -13.01 -28.91 7.29
C VAL B 184 -12.90 -27.60 6.52
N LYS B 185 -13.31 -26.52 7.16
CA LYS B 185 -13.23 -25.21 6.54
C LYS B 185 -12.02 -24.45 7.09
N VAL B 186 -11.08 -24.13 6.20
CA VAL B 186 -9.86 -23.41 6.60
C VAL B 186 -9.98 -21.90 6.37
N PHE B 187 -9.69 -21.15 7.45
CA PHE B 187 -9.72 -19.68 7.47
C PHE B 187 -8.39 -19.19 8.06
N HIS B 188 -8.11 -17.90 7.88
CA HIS B 188 -6.94 -17.29 8.51
C HIS B 188 -7.45 -16.06 9.29
N GLY B 189 -7.61 -16.22 10.61
CA GLY B 189 -8.13 -15.14 11.43
C GLY B 189 -9.60 -14.97 11.06
N ALA B 190 -10.43 -15.90 11.49
CA ALA B 190 -11.83 -15.86 11.12
C ALA B 190 -12.73 -15.04 12.03
N ASP B 191 -12.15 -14.44 13.05
CA ASP B 191 -12.94 -13.67 13.99
C ASP B 191 -13.99 -12.73 13.38
N SER B 192 -13.58 -11.79 12.53
CA SER B 192 -14.56 -10.87 11.95
C SER B 192 -15.47 -11.56 10.94
N ASP B 193 -14.89 -12.51 10.22
CA ASP B 193 -15.60 -13.27 9.22
C ASP B 193 -16.83 -13.95 9.82
N ILE B 194 -16.68 -14.55 10.99
CA ILE B 194 -17.80 -15.24 11.61
C ILE B 194 -18.96 -14.27 11.85
N GLU B 195 -18.65 -13.06 12.27
CA GLU B 195 -19.69 -12.06 12.53
C GLU B 195 -20.39 -11.65 11.23
N TRP B 196 -19.60 -11.25 10.24
CA TRP B 196 -20.17 -10.79 8.97
C TRP B 196 -21.03 -11.85 8.33
N LEU B 197 -20.57 -13.10 8.45
CA LEU B 197 -21.28 -14.24 7.90
C LEU B 197 -22.69 -14.38 8.49
N GLN B 198 -22.83 -14.14 9.79
CA GLN B 198 -24.18 -14.23 10.37
C GLN B 198 -24.93 -12.93 10.21
N LYS B 199 -24.31 -11.82 10.57
CA LYS B 199 -24.98 -10.53 10.44
C LYS B 199 -25.51 -10.27 9.02
N ASP B 200 -24.76 -10.71 8.01
CA ASP B 200 -25.15 -10.46 6.61
C ASP B 200 -25.90 -11.53 5.83
N PHE B 201 -25.61 -12.81 6.07
CA PHE B 201 -26.23 -13.87 5.30
C PHE B 201 -26.91 -14.95 6.09
N GLY B 202 -26.69 -14.95 7.39
CA GLY B 202 -27.28 -15.99 8.22
C GLY B 202 -26.48 -17.27 8.05
N LEU B 203 -25.19 -17.14 7.74
CA LEU B 203 -24.32 -18.30 7.56
C LEU B 203 -23.53 -18.58 8.84
N TYR B 204 -23.30 -19.86 9.12
CA TYR B 204 -22.56 -20.26 10.31
C TYR B 204 -21.50 -21.26 9.88
N VAL B 205 -20.56 -21.57 10.77
CA VAL B 205 -19.49 -22.52 10.43
C VAL B 205 -19.30 -23.61 11.49
N VAL B 206 -19.22 -24.85 11.04
CA VAL B 206 -19.02 -25.99 11.93
C VAL B 206 -17.84 -26.77 11.35
N ASN B 207 -16.78 -26.89 12.15
CA ASN B 207 -15.53 -27.55 11.78
C ASN B 207 -14.67 -26.54 11.00
N MET B 208 -13.84 -25.81 11.75
CA MET B 208 -12.98 -24.81 11.16
C MET B 208 -11.56 -24.85 11.69
N PHE B 209 -10.62 -24.57 10.80
CA PHE B 209 -9.21 -24.57 11.17
C PHE B 209 -8.64 -23.19 10.90
N ASP B 210 -8.32 -22.48 11.98
CA ASP B 210 -7.76 -21.14 11.83
C ASP B 210 -6.23 -21.16 11.85
N THR B 211 -5.64 -20.87 10.69
CA THR B 211 -4.19 -20.84 10.50
C THR B 211 -3.54 -19.75 11.38
N HIS B 212 -4.30 -18.69 11.66
CA HIS B 212 -3.86 -17.60 12.51
C HIS B 212 -3.76 -18.15 13.94
N GLN B 213 -4.69 -19.03 14.30
CA GLN B 213 -4.66 -19.65 15.62
C GLN B 213 -3.50 -20.63 15.65
N ALA B 214 -3.28 -21.31 14.53
CA ALA B 214 -2.22 -22.30 14.46
C ALA B 214 -0.90 -21.60 14.60
N ALA B 215 -0.73 -20.50 13.87
CA ALA B 215 0.51 -19.73 13.90
C ALA B 215 0.90 -19.37 15.33
N ARG B 216 -0.10 -19.15 16.19
CA ARG B 216 0.15 -18.80 17.57
C ARG B 216 0.51 -20.03 18.40
N LEU B 217 -0.06 -21.17 18.05
CA LEU B 217 0.24 -22.40 18.77
C LEU B 217 1.61 -22.96 18.35
N LEU B 218 2.04 -22.59 17.14
CA LEU B 218 3.33 -23.00 16.60
C LEU B 218 4.39 -21.96 16.95
N ASN B 219 4.00 -21.00 17.78
CA ASN B 219 4.88 -19.93 18.24
C ASN B 219 5.72 -19.32 17.13
N LEU B 220 5.12 -19.12 15.96
CA LEU B 220 5.85 -18.54 14.85
C LEU B 220 6.22 -17.11 15.16
N GLY B 221 7.13 -16.57 14.34
CA GLY B 221 7.56 -15.19 14.52
C GLY B 221 6.41 -14.24 14.36
N ARG B 222 5.78 -14.28 13.18
CA ARG B 222 4.65 -13.43 12.87
C ARG B 222 3.43 -14.31 12.62
N HIS B 223 2.24 -13.77 12.85
CA HIS B 223 1.02 -14.53 12.69
C HIS B 223 0.13 -14.07 11.54
N SER B 224 0.67 -13.28 10.62
CA SER B 224 -0.13 -12.79 9.50
C SER B 224 -0.15 -13.76 8.33
N LEU B 225 -1.18 -13.66 7.50
CA LEU B 225 -1.24 -14.52 6.33
C LEU B 225 -0.01 -14.22 5.50
N ASP B 226 0.31 -12.94 5.39
CA ASP B 226 1.47 -12.51 4.62
C ASP B 226 2.73 -13.31 4.96
N HIS B 227 2.98 -13.46 6.26
CA HIS B 227 4.14 -14.22 6.71
C HIS B 227 4.03 -15.69 6.33
N LEU B 228 2.86 -16.29 6.58
CA LEU B 228 2.64 -17.69 6.26
C LEU B 228 2.79 -17.98 4.78
N LEU B 229 2.34 -17.05 3.95
CA LEU B 229 2.46 -17.19 2.49
C LEU B 229 3.94 -17.25 2.12
N LYS B 230 4.75 -16.45 2.81
CA LYS B 230 6.18 -16.42 2.54
C LYS B 230 6.87 -17.63 3.17
N LEU B 231 6.65 -17.81 4.46
CA LEU B 231 7.25 -18.90 5.19
C LEU B 231 6.99 -20.31 4.63
N TYR B 232 5.80 -20.54 4.10
CA TYR B 232 5.43 -21.86 3.59
C TYR B 232 5.39 -22.01 2.08
N CYS B 233 4.94 -20.96 1.39
CA CYS B 233 4.79 -21.02 -0.06
C CYS B 233 5.79 -20.16 -0.77
N ASN B 234 6.55 -19.39 -0.02
CA ASN B 234 7.53 -18.50 -0.61
C ASN B 234 6.82 -17.63 -1.63
N VAL B 235 5.76 -16.96 -1.16
CA VAL B 235 4.97 -16.06 -1.97
C VAL B 235 4.92 -14.69 -1.30
N ASP B 236 4.97 -13.64 -2.10
CA ASP B 236 4.91 -12.28 -1.57
C ASP B 236 3.59 -11.68 -2.03
N SER B 237 2.58 -11.79 -1.16
CA SER B 237 1.25 -11.29 -1.45
C SER B 237 1.21 -9.85 -1.95
N ASN B 238 0.35 -9.59 -2.92
CA ASN B 238 0.20 -8.25 -3.47
C ASN B 238 -0.86 -7.54 -2.62
N LYS B 239 -0.43 -7.02 -1.48
CA LYS B 239 -1.34 -6.34 -0.56
C LYS B 239 -1.68 -4.92 -1.00
N GLN B 240 -1.78 -4.73 -2.31
CA GLN B 240 -2.10 -3.43 -2.87
C GLN B 240 -3.57 -3.08 -2.70
N TYR B 241 -4.36 -3.99 -2.13
CA TYR B 241 -5.79 -3.74 -1.95
C TYR B 241 -6.32 -3.94 -0.53
N GLN B 242 -5.41 -3.94 0.45
CA GLN B 242 -5.78 -4.10 1.85
C GLN B 242 -6.98 -3.27 2.29
N LEU B 243 -7.07 -2.03 1.80
CA LEU B 243 -8.17 -1.17 2.20
C LEU B 243 -8.96 -0.59 1.02
N ALA B 244 -9.12 -1.39 -0.03
CA ALA B 244 -9.87 -0.94 -1.21
C ALA B 244 -11.38 -0.99 -0.97
N ASP B 245 -12.14 -0.47 -1.93
CA ASP B 245 -13.59 -0.48 -1.86
C ASP B 245 -14.05 -1.68 -2.67
N TRP B 246 -14.36 -2.76 -1.99
CA TRP B 246 -14.76 -3.98 -2.66
C TRP B 246 -16.17 -4.01 -3.23
N ARG B 247 -16.78 -2.84 -3.40
CA ARG B 247 -18.12 -2.78 -3.96
C ARG B 247 -18.02 -2.45 -5.46
N ILE B 248 -16.82 -2.06 -5.91
CA ILE B 248 -16.62 -1.67 -7.31
C ILE B 248 -16.93 -2.79 -8.29
N ARG B 249 -17.79 -2.50 -9.26
CA ARG B 249 -18.14 -3.50 -10.25
C ARG B 249 -18.05 -2.90 -11.65
N PRO B 250 -17.46 -3.62 -12.61
CA PRO B 250 -16.89 -4.97 -12.43
C PRO B 250 -15.62 -4.94 -11.61
N LEU B 251 -15.18 -6.09 -11.14
CA LEU B 251 -13.96 -6.14 -10.36
C LEU B 251 -12.80 -6.33 -11.33
N PRO B 252 -11.86 -5.37 -11.33
CA PRO B 252 -10.73 -5.50 -12.24
C PRO B 252 -9.96 -6.76 -11.92
N GLU B 253 -9.26 -7.26 -12.93
CA GLU B 253 -8.45 -8.46 -12.80
C GLU B 253 -7.54 -8.42 -11.58
N GLU B 254 -6.87 -7.29 -11.38
CA GLU B 254 -5.95 -7.14 -10.27
C GLU B 254 -6.61 -7.48 -8.95
N MET B 255 -7.80 -6.92 -8.74
CA MET B 255 -8.56 -7.15 -7.53
C MET B 255 -8.98 -8.62 -7.44
N LEU B 256 -9.42 -9.19 -8.55
CA LEU B 256 -9.81 -10.61 -8.55
C LEU B 256 -8.61 -11.43 -8.09
N SER B 257 -7.46 -11.14 -8.69
CA SER B 257 -6.21 -11.82 -8.40
C SER B 257 -5.87 -11.73 -6.91
N ALA B 258 -5.95 -10.52 -6.38
CA ALA B 258 -5.67 -10.27 -4.97
C ALA B 258 -6.58 -11.13 -4.10
N ALA B 259 -7.88 -11.09 -4.40
CA ALA B 259 -8.90 -11.85 -3.69
C ALA B 259 -8.64 -13.35 -3.67
N ARG B 260 -8.40 -13.93 -4.85
CA ARG B 260 -8.14 -15.36 -4.91
C ARG B 260 -6.91 -15.74 -4.09
N ASP B 261 -5.92 -14.84 -4.05
CA ASP B 261 -4.70 -15.10 -3.30
C ASP B 261 -5.00 -15.36 -1.82
N ASP B 262 -6.11 -14.80 -1.35
CA ASP B 262 -6.51 -14.96 0.04
C ASP B 262 -6.83 -16.40 0.43
N THR B 263 -7.36 -17.17 -0.51
CA THR B 263 -7.73 -18.55 -0.23
C THR B 263 -6.88 -19.57 -1.01
N HIS B 264 -6.40 -19.18 -2.17
CA HIS B 264 -5.64 -20.09 -3.00
C HIS B 264 -4.59 -21.01 -2.34
N TYR B 265 -3.90 -20.56 -1.30
CA TYR B 265 -2.84 -21.38 -0.67
C TYR B 265 -3.13 -21.88 0.75
N LEU B 266 -4.30 -21.56 1.28
CA LEU B 266 -4.66 -21.97 2.64
C LEU B 266 -4.62 -23.47 2.93
N LEU B 267 -5.12 -24.30 2.01
CA LEU B 267 -5.13 -25.74 2.24
C LEU B 267 -3.70 -26.25 2.35
N TYR B 268 -2.83 -25.76 1.48
CA TYR B 268 -1.44 -26.18 1.55
C TYR B 268 -0.94 -25.86 2.95
N ILE B 269 -1.01 -24.58 3.31
CA ILE B 269 -0.57 -24.10 4.62
C ILE B 269 -1.20 -24.93 5.74
N TYR B 270 -2.48 -25.25 5.59
CA TYR B 270 -3.21 -26.07 6.55
C TYR B 270 -2.48 -27.41 6.74
N ASP B 271 -2.14 -28.07 5.64
CA ASP B 271 -1.43 -29.34 5.73
C ASP B 271 -0.08 -29.09 6.41
N LYS B 272 0.67 -28.16 5.83
CA LYS B 272 1.99 -27.77 6.29
C LYS B 272 2.08 -27.46 7.79
N MET B 273 1.11 -26.73 8.33
CA MET B 273 1.12 -26.37 9.73
C MET B 273 0.79 -27.56 10.62
N ARG B 274 -0.10 -28.42 10.12
CA ARG B 274 -0.46 -29.62 10.85
C ARG B 274 0.81 -30.50 10.88
N LEU B 275 1.54 -30.47 9.77
CA LEU B 275 2.77 -31.26 9.65
C LEU B 275 3.83 -30.74 10.60
N GLU B 276 3.96 -29.42 10.69
CA GLU B 276 4.96 -28.85 11.57
C GLU B 276 4.66 -29.23 13.02
N MET B 277 3.38 -29.24 13.38
CA MET B 277 3.02 -29.61 14.74
C MET B 277 3.48 -31.04 15.02
N TRP B 278 3.40 -31.89 14.02
CA TRP B 278 3.82 -33.28 14.20
C TRP B 278 5.33 -33.41 14.37
N GLU B 279 6.09 -32.73 13.50
CA GLU B 279 7.55 -32.82 13.53
C GLU B 279 8.17 -32.21 14.76
N ARG B 280 7.50 -31.24 15.35
CA ARG B 280 8.03 -30.56 16.52
C ARG B 280 7.34 -31.02 17.79
N GLY B 281 6.15 -31.59 17.65
CA GLY B 281 5.42 -32.04 18.80
C GLY B 281 5.91 -33.36 19.35
N ASN B 282 5.08 -33.95 20.21
CA ASN B 282 5.38 -35.23 20.82
C ASN B 282 4.24 -36.20 20.52
N GLY B 283 4.55 -37.32 19.87
CA GLY B 283 3.51 -38.28 19.54
C GLY B 283 2.37 -37.58 18.82
N GLN B 284 1.14 -37.81 19.28
CA GLN B 284 -0.02 -37.16 18.67
C GLN B 284 -0.05 -35.72 19.18
N PRO B 285 0.35 -34.76 18.33
CA PRO B 285 0.37 -33.34 18.72
C PRO B 285 -0.95 -32.84 19.30
N VAL B 286 -0.91 -32.45 20.57
CA VAL B 286 -2.09 -31.96 21.25
C VAL B 286 -2.53 -30.61 20.72
N GLN B 287 -1.57 -29.77 20.36
CA GLN B 287 -1.90 -28.44 19.83
C GLN B 287 -2.90 -28.54 18.70
N LEU B 288 -2.88 -29.67 18.00
CA LEU B 288 -3.78 -29.94 16.89
C LEU B 288 -5.25 -29.82 17.37
N GLN B 289 -5.57 -30.54 18.44
CA GLN B 289 -6.91 -30.50 19.00
C GLN B 289 -7.26 -29.07 19.41
N VAL B 290 -6.27 -28.38 19.96
CA VAL B 290 -6.42 -27.01 20.42
C VAL B 290 -6.74 -26.04 19.28
N VAL B 291 -6.17 -26.27 18.11
CA VAL B 291 -6.45 -25.37 17.00
C VAL B 291 -7.94 -25.45 16.73
N TRP B 292 -8.46 -26.66 16.63
CA TRP B 292 -9.88 -26.88 16.40
C TRP B 292 -10.69 -26.41 17.60
N GLN B 293 -10.14 -26.59 18.80
CA GLN B 293 -10.84 -26.17 20.01
C GLN B 293 -11.05 -24.66 19.95
N ARG B 294 -9.94 -23.93 19.82
CA ARG B 294 -10.00 -22.49 19.75
C ARG B 294 -10.70 -22.00 18.49
N SER B 295 -10.59 -22.76 17.40
CA SER B 295 -11.26 -22.36 16.18
C SER B 295 -12.77 -22.49 16.33
N ARG B 296 -13.26 -23.53 16.99
CA ARG B 296 -14.71 -23.64 17.13
C ARG B 296 -15.23 -22.59 18.09
N ASP B 297 -14.38 -22.12 19.00
CA ASP B 297 -14.79 -21.08 19.91
C ASP B 297 -15.00 -19.79 19.09
N ILE B 298 -14.25 -19.66 18.01
CA ILE B 298 -14.39 -18.50 17.14
C ILE B 298 -15.73 -18.62 16.43
N CYS B 299 -16.04 -19.83 15.95
CA CYS B 299 -17.31 -20.08 15.28
C CYS B 299 -18.50 -19.83 16.20
N LEU B 300 -18.27 -19.85 17.51
CA LEU B 300 -19.34 -19.63 18.46
C LEU B 300 -19.61 -18.16 18.73
N LYS B 301 -18.72 -17.29 18.26
CA LYS B 301 -18.91 -15.85 18.45
C LYS B 301 -20.28 -15.52 17.88
N LYS B 302 -21.11 -14.89 18.69
CA LYS B 302 -22.45 -14.53 18.27
C LYS B 302 -22.46 -13.03 17.97
N PHE B 303 -23.02 -12.64 16.83
CA PHE B 303 -23.06 -11.24 16.45
C PHE B 303 -24.08 -10.44 17.25
N ILE B 304 -23.65 -9.29 17.77
CA ILE B 304 -24.55 -8.42 18.54
C ILE B 304 -24.50 -7.00 17.98
N LYS B 305 -25.68 -6.44 17.69
CA LYS B 305 -25.79 -5.08 17.14
C LYS B 305 -25.10 -4.10 18.06
N PRO B 306 -24.21 -3.27 17.51
CA PRO B 306 -23.48 -2.28 18.32
C PRO B 306 -24.34 -1.10 18.75
N ILE B 307 -24.01 -0.55 19.92
CA ILE B 307 -24.69 0.62 20.47
C ILE B 307 -23.62 1.50 21.09
N PHE B 308 -23.26 2.57 20.39
CA PHE B 308 -22.24 3.49 20.86
C PHE B 308 -22.87 4.61 21.66
N THR B 309 -22.14 5.13 22.63
CA THR B 309 -22.69 6.20 23.44
C THR B 309 -21.75 7.38 23.49
N ASP B 310 -22.30 8.57 23.66
CA ASP B 310 -21.48 9.78 23.70
C ASP B 310 -20.50 9.85 24.89
N GLU B 311 -20.82 9.16 25.99
CA GLU B 311 -19.95 9.18 27.17
C GLU B 311 -18.54 8.66 26.89
N SER B 312 -18.42 7.72 25.97
CA SER B 312 -17.11 7.17 25.62
C SER B 312 -16.13 8.31 25.45
N TYR B 313 -16.60 9.38 24.81
CA TYR B 313 -15.77 10.54 24.53
C TYR B 313 -15.72 11.57 25.65
N LEU B 314 -16.83 11.77 26.36
CA LEU B 314 -16.88 12.75 27.46
C LEU B 314 -15.77 12.44 28.47
N GLU B 315 -15.57 11.15 28.72
CA GLU B 315 -14.54 10.67 29.65
C GLU B 315 -13.17 10.80 28.98
N LEU B 316 -13.17 10.76 27.66
CA LEU B 316 -11.95 10.89 26.86
C LEU B 316 -11.45 12.34 26.88
N TYR B 317 -12.38 13.27 26.67
CA TYR B 317 -12.07 14.70 26.65
C TYR B 317 -11.92 15.21 28.08
N ARG B 318 -12.55 14.50 29.01
CA ARG B 318 -12.50 14.85 30.43
C ARG B 318 -11.05 14.70 30.90
N LYS B 319 -10.41 13.60 30.50
CA LYS B 319 -9.01 13.35 30.85
C LYS B 319 -8.15 14.41 30.17
N GLN B 320 -8.54 14.75 28.94
CA GLN B 320 -7.85 15.77 28.16
C GLN B 320 -8.19 17.14 28.73
N LYS B 321 -9.00 17.15 29.79
CA LYS B 321 -9.45 18.37 30.44
C LYS B 321 -9.96 19.38 29.41
N LYS B 322 -10.98 18.97 28.66
CA LYS B 322 -11.59 19.82 27.64
C LYS B 322 -12.36 20.97 28.31
N HIS B 323 -12.82 20.73 29.54
CA HIS B 323 -13.57 21.72 30.31
C HIS B 323 -14.77 22.25 29.54
N LEU B 324 -15.59 21.33 29.02
CA LEU B 324 -16.79 21.68 28.27
C LEU B 324 -17.89 22.01 29.26
N ASN B 325 -18.60 23.12 29.06
CA ASN B 325 -19.67 23.47 29.98
C ASN B 325 -20.96 22.74 29.63
N THR B 326 -22.00 22.98 30.42
CA THR B 326 -23.31 22.36 30.22
C THR B 326 -23.82 22.50 28.78
N GLN B 327 -23.69 23.70 28.22
CA GLN B 327 -24.15 23.96 26.85
C GLN B 327 -23.36 23.18 25.80
N GLN B 328 -22.07 23.03 26.05
CA GLN B 328 -21.20 22.32 25.13
C GLN B 328 -21.43 20.83 25.23
N LEU B 329 -21.50 20.32 26.45
CA LEU B 329 -21.74 18.90 26.68
C LEU B 329 -23.04 18.52 26.02
N THR B 330 -24.06 19.36 26.20
CA THR B 330 -25.37 19.12 25.62
C THR B 330 -25.32 19.20 24.10
N ALA B 331 -24.52 20.13 23.60
CA ALA B 331 -24.42 20.29 22.15
C ALA B 331 -23.86 18.99 21.57
N PHE B 332 -22.83 18.47 22.23
CA PHE B 332 -22.20 17.22 21.80
C PHE B 332 -23.20 16.07 21.85
N GLN B 333 -23.84 15.93 23.01
CA GLN B 333 -24.82 14.89 23.21
C GLN B 333 -25.87 14.90 22.10
N LEU B 334 -26.40 16.07 21.76
CA LEU B 334 -27.42 16.14 20.72
C LEU B 334 -26.89 15.86 19.33
N LEU B 335 -25.65 16.25 19.06
CA LEU B 335 -25.05 15.99 17.76
C LEU B 335 -24.75 14.48 17.65
N PHE B 336 -24.21 13.91 18.73
CA PHE B 336 -23.92 12.49 18.74
C PHE B 336 -25.21 11.72 18.39
N ALA B 337 -26.29 12.06 19.10
CA ALA B 337 -27.56 11.42 18.88
C ALA B 337 -28.01 11.66 17.45
N TRP B 338 -27.85 12.88 16.97
CA TRP B 338 -28.25 13.20 15.61
C TRP B 338 -27.47 12.35 14.62
N ARG B 339 -26.15 12.29 14.79
CA ARG B 339 -25.30 11.51 13.89
C ARG B 339 -25.72 10.05 13.89
N ASP B 340 -26.00 9.51 15.07
CA ASP B 340 -26.41 8.11 15.17
C ASP B 340 -27.70 7.83 14.41
N LYS B 341 -28.71 8.67 14.64
CA LYS B 341 -29.99 8.53 13.96
C LYS B 341 -29.83 8.63 12.44
N THR B 342 -29.02 9.59 12.00
CA THR B 342 -28.81 9.79 10.58
C THR B 342 -28.06 8.62 9.95
N ALA B 343 -27.00 8.18 10.61
CA ALA B 343 -26.20 7.08 10.12
C ALA B 343 -27.04 5.81 9.99
N ARG B 344 -27.85 5.52 11.01
CA ARG B 344 -28.69 4.33 10.98
C ARG B 344 -29.72 4.39 9.88
N ARG B 345 -30.42 5.52 9.76
CA ARG B 345 -31.43 5.68 8.72
C ARG B 345 -30.87 5.67 7.31
N GLU B 346 -29.86 6.49 7.05
CA GLU B 346 -29.24 6.56 5.73
C GLU B 346 -28.22 5.44 5.51
N ASP B 347 -28.07 4.58 6.51
CA ASP B 347 -27.12 3.46 6.45
C ASP B 347 -25.74 3.87 5.94
N GLU B 348 -25.11 4.75 6.70
CA GLU B 348 -23.78 5.27 6.40
C GLU B 348 -22.97 5.14 7.68
N SER B 349 -21.65 5.27 7.57
CA SER B 349 -20.80 5.19 8.76
C SER B 349 -20.80 6.54 9.47
N TYR B 350 -20.44 6.53 10.76
CA TYR B 350 -20.37 7.75 11.52
C TYR B 350 -19.42 8.70 10.80
N GLY B 351 -18.28 8.15 10.38
CA GLY B 351 -17.28 8.92 9.68
C GLY B 351 -17.78 9.57 8.40
N TYR B 352 -18.63 8.88 7.66
CA TYR B 352 -19.13 9.49 6.44
C TYR B 352 -20.09 10.61 6.81
N VAL B 353 -20.84 10.41 7.88
CA VAL B 353 -21.83 11.39 8.34
C VAL B 353 -21.24 12.67 8.95
N LEU B 354 -20.50 12.50 10.04
CA LEU B 354 -19.89 13.63 10.73
C LEU B 354 -18.71 13.08 11.53
N PRO B 355 -17.47 13.28 11.04
CA PRO B 355 -16.32 12.77 11.78
C PRO B 355 -16.22 13.38 13.16
N ASN B 356 -15.69 12.60 14.10
CA ASN B 356 -15.52 13.02 15.48
C ASN B 356 -14.99 14.43 15.71
N HIS B 357 -13.74 14.70 15.36
CA HIS B 357 -13.18 16.04 15.58
C HIS B 357 -14.14 17.13 15.12
N MET B 358 -14.77 16.96 13.97
CA MET B 358 -15.70 17.98 13.48
C MET B 358 -16.89 18.18 14.42
N MET B 359 -17.44 17.07 14.91
CA MET B 359 -18.57 17.13 15.83
C MET B 359 -18.12 17.84 17.09
N LEU B 360 -16.94 17.46 17.58
CA LEU B 360 -16.41 18.07 18.78
C LEU B 360 -16.19 19.57 18.60
N LYS B 361 -15.78 19.94 17.39
CA LYS B 361 -15.52 21.34 17.04
C LYS B 361 -16.80 22.14 17.23
N ILE B 362 -17.88 21.68 16.60
CA ILE B 362 -19.16 22.34 16.68
C ILE B 362 -19.74 22.41 18.10
N ALA B 363 -19.57 21.34 18.88
CA ALA B 363 -20.08 21.34 20.24
C ALA B 363 -19.36 22.39 21.06
N GLU B 364 -18.10 22.66 20.70
CA GLU B 364 -17.30 23.66 21.40
C GLU B 364 -17.67 25.08 20.95
N GLU B 365 -17.71 25.27 19.64
CA GLU B 365 -18.05 26.57 19.06
C GLU B 365 -19.47 27.09 19.30
N LEU B 366 -20.44 26.18 19.41
CA LEU B 366 -21.84 26.54 19.61
C LEU B 366 -22.26 27.64 18.62
N PRO B 367 -22.03 27.42 17.32
CA PRO B 367 -22.40 28.40 16.31
C PRO B 367 -23.87 28.78 16.33
N LYS B 368 -24.10 30.06 16.58
CA LYS B 368 -25.44 30.65 16.65
C LYS B 368 -26.17 30.56 15.30
N GLU B 369 -25.41 30.39 14.22
CA GLU B 369 -26.01 30.33 12.89
C GLU B 369 -25.63 29.07 12.12
N PRO B 370 -26.45 28.68 11.13
CA PRO B 370 -26.17 27.48 10.34
C PRO B 370 -24.81 27.52 9.65
N GLN B 371 -24.38 28.69 9.20
CA GLN B 371 -23.09 28.78 8.55
C GLN B 371 -21.97 28.53 9.55
N GLY B 372 -22.24 28.81 10.82
CA GLY B 372 -21.25 28.60 11.86
C GLY B 372 -20.99 27.11 12.01
N ILE B 373 -22.03 26.32 11.75
CA ILE B 373 -21.94 24.87 11.83
C ILE B 373 -21.03 24.47 10.68
N ILE B 374 -21.39 24.92 9.48
CA ILE B 374 -20.60 24.63 8.28
C ILE B 374 -19.16 25.08 8.43
N ALA B 375 -18.99 26.25 9.02
CA ALA B 375 -17.66 26.81 9.24
C ALA B 375 -16.74 25.84 9.99
N CYS B 376 -17.34 24.98 10.81
CA CYS B 376 -16.55 24.03 11.58
C CYS B 376 -16.21 22.77 10.83
N CYS B 377 -16.88 22.55 9.72
CA CYS B 377 -16.67 21.35 8.92
C CYS B 377 -15.87 21.59 7.65
N ASN B 378 -14.68 20.98 7.60
CA ASN B 378 -13.84 21.09 6.42
C ASN B 378 -13.14 19.79 6.11
N PRO B 379 -13.55 19.13 5.00
CA PRO B 379 -14.62 19.60 4.12
C PRO B 379 -16.00 19.35 4.72
N VAL B 380 -17.00 19.92 4.07
CA VAL B 380 -18.37 19.78 4.54
C VAL B 380 -19.05 18.50 4.11
N PRO B 381 -19.29 17.59 5.06
CA PRO B 381 -19.97 16.33 4.73
C PRO B 381 -21.38 16.64 4.22
N PRO B 382 -21.77 16.04 3.08
CA PRO B 382 -23.08 16.21 2.45
C PRO B 382 -24.35 16.05 3.30
N LEU B 383 -24.29 15.18 4.31
CA LEU B 383 -25.45 14.99 5.18
C LEU B 383 -25.58 16.18 6.12
N VAL B 384 -24.47 16.83 6.42
CA VAL B 384 -24.48 18.02 7.27
C VAL B 384 -25.15 19.10 6.43
N ARG B 385 -24.81 19.12 5.15
CA ARG B 385 -25.39 20.07 4.23
C ARG B 385 -26.89 19.86 4.24
N GLN B 386 -27.33 18.65 3.91
CA GLN B 386 -28.75 18.32 3.87
C GLN B 386 -29.55 18.60 5.15
N GLN B 387 -28.96 18.31 6.30
CA GLN B 387 -29.64 18.49 7.58
C GLN B 387 -29.15 19.69 8.38
N ILE B 388 -28.55 20.65 7.71
CA ILE B 388 -28.02 21.81 8.41
C ILE B 388 -29.03 22.49 9.33
N ASN B 389 -30.27 22.63 8.89
CA ASN B 389 -31.26 23.27 9.73
C ASN B 389 -31.61 22.40 10.93
N GLU B 390 -31.77 21.12 10.69
CA GLU B 390 -32.07 20.16 11.75
C GLU B 390 -30.95 20.29 12.79
N MET B 391 -29.72 20.36 12.30
CA MET B 391 -28.54 20.51 13.17
C MET B 391 -28.59 21.84 13.89
N HIS B 392 -28.83 22.90 13.12
CA HIS B 392 -28.91 24.25 13.65
C HIS B 392 -29.88 24.32 14.84
N LEU B 393 -31.03 23.66 14.70
CA LEU B 393 -32.01 23.64 15.77
C LEU B 393 -31.45 22.94 17.02
N LEU B 394 -30.54 22.00 16.80
CA LEU B 394 -29.95 21.28 17.91
C LEU B 394 -28.96 22.12 18.70
N ILE B 395 -28.19 22.95 17.98
CA ILE B 395 -27.23 23.81 18.66
C ILE B 395 -27.98 24.91 19.40
N GLN B 396 -29.11 25.35 18.86
CA GLN B 396 -29.90 26.37 19.53
C GLN B 396 -30.40 25.87 20.87
N GLN B 397 -30.93 24.65 20.91
CA GLN B 397 -31.41 24.09 22.17
C GLN B 397 -30.29 24.00 23.19
N ALA B 398 -29.09 23.72 22.69
CA ALA B 398 -27.92 23.62 23.54
C ALA B 398 -27.56 25.01 24.09
N ARG B 399 -27.80 26.04 23.30
CA ARG B 399 -27.49 27.41 23.73
C ARG B 399 -28.47 27.96 24.76
N GLU B 400 -29.68 27.38 24.80
CA GLU B 400 -30.71 27.78 25.77
C GLU B 400 -30.53 27.06 27.10
N MET B 401 -29.47 26.27 27.22
CA MET B 401 -29.22 25.51 28.44
C MET B 401 -28.60 26.37 29.52
N PRO B 402 -29.16 26.31 30.73
CA PRO B 402 -28.63 27.10 31.84
C PRO B 402 -27.26 26.61 32.23
N LEU B 403 -26.34 27.55 32.44
CA LEU B 403 -24.96 27.23 32.83
C LEU B 403 -24.82 27.22 34.35
N LEU B 404 -23.87 26.45 34.87
CA LEU B 404 -23.63 26.40 36.31
C LEU B 404 -22.99 27.74 36.67
N LYS B 405 -23.04 28.12 37.95
CA LYS B 405 -22.45 29.39 38.38
C LYS B 405 -20.94 29.39 38.09
N SER B 406 -20.34 28.19 38.14
CA SER B 406 -18.91 28.02 37.91
C SER B 406 -18.54 27.78 36.45
N GLU B 407 -19.39 28.24 35.53
CA GLU B 407 -19.12 28.08 34.11
C GLU B 407 -19.32 29.43 33.46
N VAL B 408 -19.92 30.34 34.21
CA VAL B 408 -20.17 31.71 33.73
C VAL B 408 -19.18 32.62 34.43
N ALA B 409 -19.43 32.85 35.72
CA ALA B 409 -18.58 33.69 36.56
C ALA B 409 -17.23 33.02 36.74
N ALA B 410 -16.89 32.14 35.79
CA ALA B 410 -15.63 31.41 35.78
C ALA B 410 -15.40 30.84 34.39
Y YT3 C . 20.08 -7.92 -32.16
Y YT3 D . 12.81 18.82 -7.09
MG MG E . -10.97 -12.16 5.89
MG MG F . -8.39 -9.37 0.65
Y YT3 G . -25.05 10.34 27.45
#